data_1XNS
#
_entry.id   1XNS
#
_cell.length_a   106.078
_cell.length_b   121.529
_cell.length_c   177.799
_cell.angle_alpha   90.00
_cell.angle_beta   90.00
_cell.angle_gamma   90.00
#
_symmetry.space_group_name_H-M   'C 2 2 21'
#
loop_
_entity.id
_entity.type
_entity.pdbx_description
1 polymer 'loxP DNA'
2 polymer 'loxP DNA'
3 polymer 'Recombinase CRE'
4 water water
#
loop_
_entity_poly.entity_id
_entity_poly.type
_entity_poly.pdbx_seq_one_letter_code
_entity_poly.pdbx_strand_id
1 'polydeoxyribonucleotide'
;(DT)(DA)(DT)(DA)(DA)(DC)(DT)(DT)(DC)(DG)(DT)(DA)(DT)(DA)(DA)(DT)(DG)(DT)(DA)(DT)
(DG)(DC)(DT)(DA)(DT)(DA)(DC)(DG)(DA)(DA)(DG)(DT)(DT)(DA)(DT)
;
C
2 'polydeoxyribonucleotide'
;(DA)(DT)(DA)(DA)(DC)(DT)(DT)(DC)(DG)(DT)(DA)(DT)(DA)(DG)(DC)(DA)(DT)(DA)(DC)(DA)
(DT)(DT)(DA)(DT)(DA)(DC)(DG)(DA)(DA)(DG)(DT)(DT)(DA)(DT)
;
D
3 'polypeptide(L)'
;SDEVRKNLMDMFRDRQAFSEHTWKMLLSVCRSWAAWCKLNNRKWFPAEPEDVRDYLLYLQARGLAVKTIQQHLGQLNMLH
RRSGLPRPSDSNAVSLVMRRIRKENVDAGERAKQALAFERTDFDQVRSLMENSDRCQDIRNLAFLGIAYNTLLRIAEIAR
IRVKDISRTDGGRMLIHIGRTKTLVSTAGVEKALSLGVTKLVERWISVSGVADDPNNYLFCRVRKNGVAAPSATSQLSTR
ALEGIFEATHRLIYGAKDDSGQRYLAWSGHSARVGAARDMARAGVSIPEIMQAGGWTNVNIVMNYIRNLDSETGAMVRLL
EDGD
;
A,B
#
# COMPACT_ATOMS: atom_id res chain seq x y z
N SER C 1 16.63 -34.97 -4.56
CA SER C 1 15.51 -35.80 -4.03
C SER C 1 15.39 -35.67 -2.52
N ASP C 2 16.54 -35.74 -1.88
CA ASP C 2 16.70 -35.22 -0.52
C ASP C 2 16.51 -33.68 -0.51
N GLU C 3 16.92 -32.98 -1.56
CA GLU C 3 16.80 -31.52 -1.63
C GLU C 3 15.33 -31.11 -1.54
N VAL C 4 14.48 -31.86 -2.25
CA VAL C 4 13.08 -31.46 -2.40
C VAL C 4 12.31 -31.79 -1.13
N ARG C 5 12.74 -32.83 -0.43
CA ARG C 5 12.23 -33.14 0.92
C ARG C 5 12.50 -31.98 1.90
N LYS C 6 13.70 -31.43 1.86
CA LYS C 6 14.04 -30.25 2.62
C LYS C 6 13.12 -29.08 2.21
N ASN C 7 13.00 -28.88 0.90
CA ASN C 7 12.20 -27.81 0.37
C ASN C 7 10.72 -27.95 0.76
N LEU C 8 10.20 -29.16 0.87
CA LEU C 8 8.82 -29.35 1.29
C LEU C 8 8.65 -29.20 2.80
N MET C 9 9.72 -29.40 3.56
CA MET C 9 9.67 -29.21 4.99
C MET C 9 9.78 -27.69 5.24
N ASP C 10 10.61 -27.01 4.44
CA ASP C 10 10.72 -25.56 4.47
C ASP C 10 9.30 -24.99 4.33
N MET C 11 8.54 -25.56 3.41
CA MET C 11 7.17 -25.15 3.17
C MET C 11 6.18 -25.42 4.29
N PHE C 12 6.12 -26.64 4.80
CA PHE C 12 5.23 -26.85 5.92
C PHE C 12 5.63 -25.98 7.10
N ARG C 13 6.92 -25.82 7.33
CA ARG C 13 7.40 -25.11 8.52
C ARG C 13 7.04 -23.63 8.48
N ASP C 14 7.26 -23.03 7.31
CA ASP C 14 6.87 -21.65 7.08
C ASP C 14 5.54 -21.49 6.33
N ARG C 15 4.59 -22.39 6.64
CA ARG C 15 3.31 -22.43 5.96
C ARG C 15 2.53 -21.12 6.05
N GLN C 16 2.72 -20.39 7.14
CA GLN C 16 2.18 -19.05 7.33
C GLN C 16 2.74 -17.99 6.39
N ALA C 17 3.61 -18.38 5.46
CA ALA C 17 4.05 -17.51 4.39
C ALA C 17 2.90 -17.11 3.50
N PHE C 18 1.97 -18.03 3.31
CA PHE C 18 0.81 -17.84 2.45
C PHE C 18 -0.50 -17.89 3.25
N SER C 19 -1.54 -17.27 2.72
CA SER C 19 -2.84 -17.31 3.38
C SER C 19 -3.46 -18.70 3.24
N GLU C 20 -4.41 -19.03 4.11
CA GLU C 20 -5.02 -20.34 4.06
C GLU C 20 -5.88 -20.54 2.82
N HIS C 21 -6.32 -19.45 2.18
CA HIS C 21 -6.89 -19.50 0.84
C HIS C 21 -5.93 -19.93 -0.24
N THR C 22 -4.68 -19.49 -0.19
CA THR C 22 -3.71 -20.01 -1.17
C THR C 22 -3.50 -21.50 -0.99
N TRP C 23 -3.29 -21.93 0.25
CA TRP C 23 -3.11 -23.36 0.51
C TRP C 23 -4.28 -24.18 0.06
N LYS C 24 -5.46 -23.62 0.22
CA LYS C 24 -6.68 -24.26 -0.20
C LYS C 24 -6.65 -24.49 -1.69
N MET C 25 -6.29 -23.47 -2.45
CA MET C 25 -6.28 -23.64 -3.88
C MET C 25 -5.14 -24.57 -4.33
N LEU C 26 -3.99 -24.44 -3.69
CA LEU C 26 -2.89 -25.35 -3.93
C LEU C 26 -3.32 -26.79 -3.77
N LEU C 27 -4.04 -27.08 -2.68
CA LEU C 27 -4.40 -28.45 -2.32
C LEU C 27 -5.42 -28.97 -3.27
N SER C 28 -6.38 -28.11 -3.58
CA SER C 28 -7.40 -28.40 -4.56
C SER C 28 -6.81 -28.74 -5.91
N VAL C 29 -5.84 -27.97 -6.39
CA VAL C 29 -5.27 -28.23 -7.71
C VAL C 29 -4.53 -29.56 -7.74
N CYS C 30 -3.73 -29.81 -6.70
CA CYS C 30 -3.00 -31.07 -6.56
C CYS C 30 -3.92 -32.26 -6.59
N ARG C 31 -5.04 -32.14 -5.90
CA ARG C 31 -6.04 -33.19 -5.89
C ARG C 31 -6.56 -33.45 -7.30
N SER C 32 -6.78 -32.39 -8.07
CA SER C 32 -7.31 -32.52 -9.42
C SER C 32 -6.28 -33.13 -10.35
N TRP C 33 -5.04 -32.71 -10.16
CA TRP C 33 -3.94 -33.15 -11.00
C TRP C 33 -3.58 -34.60 -10.71
N ALA C 34 -3.63 -34.96 -9.43
CA ALA C 34 -3.21 -36.29 -9.00
C ALA C 34 -4.25 -37.31 -9.49
N ALA C 35 -5.53 -36.99 -9.31
CA ALA C 35 -6.63 -37.77 -9.87
C ALA C 35 -6.44 -37.97 -11.37
N TRP C 36 -6.28 -36.87 -12.09
CA TRP C 36 -6.11 -36.92 -13.54
C TRP C 36 -4.96 -37.86 -13.89
N CYS C 37 -3.90 -37.80 -13.10
CA CYS C 37 -2.70 -38.59 -13.37
C CYS C 37 -2.95 -40.10 -13.16
N LYS C 38 -3.52 -40.43 -12.01
CA LYS C 38 -3.88 -41.79 -11.66
C LYS C 38 -4.76 -42.38 -12.75
N LEU C 39 -5.87 -41.68 -13.02
CA LEU C 39 -6.80 -42.06 -14.07
C LEU C 39 -6.19 -42.10 -15.48
N ASN C 40 -4.99 -41.55 -15.65
CA ASN C 40 -4.32 -41.53 -16.94
C ASN C 40 -2.89 -42.12 -16.86
N ASN C 41 -2.59 -42.84 -15.79
CA ASN C 41 -1.29 -43.50 -15.64
C ASN C 41 -0.09 -42.61 -15.88
N ARG C 42 -0.05 -41.48 -15.18
CA ARG C 42 1.06 -40.51 -15.23
C ARG C 42 1.62 -40.31 -13.83
N LYS C 43 2.93 -40.16 -13.71
CA LYS C 43 3.52 -39.78 -12.43
C LYS C 43 3.10 -38.36 -12.12
N TRP C 44 2.69 -38.14 -10.88
CA TRP C 44 2.19 -36.82 -10.52
C TRP C 44 3.30 -35.85 -10.07
N PHE C 45 4.43 -36.39 -9.63
CA PHE C 45 5.46 -35.53 -9.06
C PHE C 45 6.83 -36.19 -9.18
N PRO C 46 7.84 -35.52 -9.75
CA PRO C 46 7.70 -34.27 -10.49
C PRO C 46 6.80 -34.47 -11.69
N ALA C 47 6.16 -33.38 -12.12
CA ALA C 47 5.35 -33.36 -13.32
C ALA C 47 6.24 -33.18 -14.53
N GLU C 48 5.92 -33.86 -15.61
CA GLU C 48 6.64 -33.69 -16.86
C GLU C 48 5.77 -32.88 -17.83
N PRO C 49 6.35 -31.91 -18.51
CA PRO C 49 5.57 -31.01 -19.37
C PRO C 49 4.59 -31.71 -20.30
N GLU C 50 4.92 -32.85 -20.90
CA GLU C 50 3.96 -33.54 -21.78
C GLU C 50 2.67 -33.84 -21.04
N ASP C 51 2.80 -34.29 -19.80
CA ASP C 51 1.64 -34.67 -18.98
C ASP C 51 0.88 -33.42 -18.52
N VAL C 52 1.62 -32.35 -18.23
CA VAL C 52 0.98 -31.10 -17.83
C VAL C 52 0.22 -30.52 -19.00
N ARG C 53 0.70 -30.78 -20.20
CA ARG C 53 0.08 -30.22 -21.39
C ARG C 53 -1.22 -30.92 -21.65
N ASP C 54 -1.19 -32.24 -21.60
CA ASP C 54 -2.41 -33.00 -21.76
C ASP C 54 -3.44 -32.59 -20.69
N TYR C 55 -2.96 -32.34 -19.47
CA TYR C 55 -3.85 -31.99 -18.36
C TYR C 55 -4.52 -30.67 -18.59
N LEU C 56 -3.81 -29.70 -19.15
CA LEU C 56 -4.39 -28.39 -19.36
C LEU C 56 -5.38 -28.48 -20.51
N LEU C 57 -5.09 -29.33 -21.48
CA LEU C 57 -6.05 -29.58 -22.55
C LEU C 57 -7.30 -30.30 -22.05
N TYR C 58 -7.15 -31.11 -21.01
CA TYR C 58 -8.28 -31.76 -20.37
C TYR C 58 -9.09 -30.66 -19.65
N LEU C 59 -8.40 -29.73 -18.98
CA LEU C 59 -9.11 -28.64 -18.33
C LEU C 59 -9.86 -27.72 -19.30
N GLN C 60 -9.37 -27.61 -20.54
CA GLN C 60 -10.06 -26.81 -21.53
C GLN C 60 -11.29 -27.55 -22.02
N ALA C 61 -11.15 -28.87 -22.22
CA ALA C 61 -12.22 -29.71 -22.73
C ALA C 61 -13.35 -29.74 -21.74
N ARG C 62 -13.00 -29.60 -20.48
CA ARG C 62 -13.96 -29.67 -19.40
C ARG C 62 -14.77 -28.39 -19.28
N GLY C 63 -14.49 -27.36 -20.07
CA GLY C 63 -15.24 -26.13 -19.99
C GLY C 63 -14.69 -25.08 -19.03
N LEU C 64 -13.61 -25.40 -18.32
CA LEU C 64 -13.04 -24.44 -17.36
C LEU C 64 -12.58 -23.15 -18.01
N ALA C 65 -12.70 -22.07 -17.25
CA ALA C 65 -12.28 -20.75 -17.71
C ALA C 65 -10.77 -20.65 -17.85
N VAL C 66 -10.32 -19.59 -18.50
CA VAL C 66 -8.91 -19.41 -18.73
C VAL C 66 -8.20 -18.95 -17.46
N LYS C 67 -8.88 -18.19 -16.62
CA LYS C 67 -8.29 -17.76 -15.37
C LYS C 67 -8.13 -19.00 -14.49
N THR C 68 -9.08 -19.91 -14.59
CA THR C 68 -9.02 -21.17 -13.86
C THR C 68 -7.87 -22.09 -14.34
N ILE C 69 -7.66 -22.14 -15.66
CA ILE C 69 -6.61 -22.98 -16.21
C ILE C 69 -5.26 -22.38 -15.83
N GLN C 70 -5.22 -21.08 -15.71
CA GLN C 70 -4.00 -20.42 -15.31
C GLN C 70 -3.68 -20.79 -13.87
N GLN C 71 -4.70 -20.89 -13.02
CA GLN C 71 -4.53 -21.13 -11.59
C GLN C 71 -3.94 -22.53 -11.34
N HIS C 72 -4.51 -23.53 -12.01
CA HIS C 72 -3.95 -24.86 -11.94
C HIS C 72 -2.49 -24.85 -12.34
N LEU C 73 -2.19 -24.21 -13.47
CA LEU C 73 -0.82 -24.08 -13.96
C LEU C 73 0.03 -23.32 -12.99
N GLY C 74 -0.55 -22.33 -12.35
CA GLY C 74 0.20 -21.50 -11.45
C GLY C 74 0.70 -22.32 -10.27
N GLN C 75 -0.21 -23.03 -9.62
CA GLN C 75 0.10 -23.77 -8.41
C GLN C 75 1.07 -24.89 -8.71
N LEU C 76 0.98 -25.42 -9.92
CA LEU C 76 1.93 -26.45 -10.38
C LEU C 76 3.28 -25.82 -10.50
N ASN C 77 3.35 -24.65 -11.14
CA ASN C 77 4.59 -23.87 -11.20
C ASN C 77 5.08 -23.58 -9.80
N MET C 78 4.18 -23.20 -8.90
CA MET C 78 4.55 -22.81 -7.53
C MET C 78 5.17 -24.00 -6.83
N LEU C 79 4.44 -25.11 -6.84
CA LEU C 79 4.81 -26.32 -6.13
C LEU C 79 6.19 -26.79 -6.55
N HIS C 80 6.44 -26.79 -7.86
CA HIS C 80 7.72 -27.23 -8.40
C HIS C 80 8.87 -26.27 -8.20
N ARG C 81 8.57 -24.99 -8.19
CA ARG C 81 9.56 -23.95 -8.03
C ARG C 81 9.99 -23.92 -6.56
N ARG C 82 9.06 -24.16 -5.64
CA ARG C 82 9.40 -24.19 -4.23
C ARG C 82 10.10 -25.51 -3.86
N SER C 83 10.20 -26.43 -4.82
CA SER C 83 11.15 -27.54 -4.71
C SER C 83 12.27 -27.24 -5.71
N GLY C 84 13.30 -28.05 -5.79
CA GLY C 84 14.42 -27.66 -6.65
C GLY C 84 14.14 -27.87 -8.13
N LEU C 85 12.85 -28.05 -8.46
CA LEU C 85 12.44 -28.65 -9.72
C LEU C 85 12.08 -27.61 -10.78
N PRO C 86 12.20 -27.98 -12.05
CA PRO C 86 11.81 -27.10 -13.15
C PRO C 86 10.29 -26.94 -13.17
N ARG C 87 9.85 -25.74 -13.48
CA ARG C 87 8.45 -25.45 -13.64
C ARG C 87 7.97 -25.95 -15.01
N PRO C 88 6.75 -26.46 -15.08
CA PRO C 88 6.07 -26.69 -16.37
C PRO C 88 6.14 -25.50 -17.35
N SER C 89 5.89 -24.28 -16.87
CA SER C 89 5.80 -23.10 -17.72
C SER C 89 7.13 -22.74 -18.36
N ASP C 90 8.23 -23.21 -17.77
CA ASP C 90 9.56 -23.07 -18.36
C ASP C 90 9.82 -24.06 -19.47
N SER C 91 8.87 -24.95 -19.73
CA SER C 91 8.93 -25.80 -20.93
C SER C 91 8.20 -25.16 -22.13
N ASN C 92 8.70 -25.48 -23.30
CA ASN C 92 8.16 -24.97 -24.55
C ASN C 92 6.78 -25.57 -24.86
N ALA C 93 6.57 -26.81 -24.44
CA ALA C 93 5.31 -27.48 -24.70
C ALA C 93 4.16 -26.82 -23.95
N VAL C 94 4.31 -26.65 -22.65
CA VAL C 94 3.24 -26.11 -21.80
C VAL C 94 3.02 -24.62 -22.08
N SER C 95 4.10 -23.93 -22.43
CA SER C 95 4.05 -22.51 -22.74
C SER C 95 3.19 -22.26 -23.96
N LEU C 96 3.35 -23.10 -24.98
CA LEU C 96 2.57 -22.98 -26.20
C LEU C 96 1.11 -23.41 -26.02
N VAL C 97 0.81 -24.45 -25.22
CA VAL C 97 -0.62 -24.78 -25.00
C VAL C 97 -1.37 -23.73 -24.22
N MET C 98 -0.71 -23.08 -23.27
CA MET C 98 -1.35 -22.01 -22.54
C MET C 98 -1.72 -20.90 -23.53
N ARG C 99 -0.80 -20.55 -24.43
CA ARG C 99 -1.10 -19.58 -25.49
C ARG C 99 -2.23 -20.03 -26.36
N ARG C 100 -2.17 -21.29 -26.74
CA ARG C 100 -3.14 -21.86 -27.64
C ARG C 100 -4.49 -21.88 -26.99
N ILE C 101 -4.52 -22.23 -25.71
CA ILE C 101 -5.77 -22.34 -24.95
C ILE C 101 -6.38 -20.97 -24.65
N ARG C 102 -5.55 -20.01 -24.26
CA ARG C 102 -6.04 -18.65 -24.04
C ARG C 102 -6.83 -18.17 -25.26
N LYS C 103 -6.16 -18.06 -26.41
CA LYS C 103 -6.79 -17.43 -27.58
C LYS C 103 -7.93 -18.27 -28.14
N GLU C 104 -7.72 -19.57 -28.26
CA GLU C 104 -8.79 -20.47 -28.60
C GLU C 104 -10.09 -20.13 -27.88
N ASN C 105 -10.00 -19.96 -26.57
CA ASN C 105 -11.18 -19.81 -25.72
C ASN C 105 -11.87 -18.47 -25.84
N VAL C 106 -11.09 -17.43 -26.14
CA VAL C 106 -11.58 -16.07 -26.42
C VAL C 106 -12.32 -16.02 -27.76
N ASP C 107 -11.90 -16.86 -28.70
CA ASP C 107 -12.54 -16.96 -30.01
C ASP C 107 -13.91 -17.59 -29.94
N ALA C 108 -14.13 -18.58 -29.09
CA ALA C 108 -15.51 -19.04 -28.81
C ALA C 108 -16.20 -18.14 -27.78
N GLY C 109 -15.54 -17.05 -27.40
CA GLY C 109 -16.17 -15.95 -26.68
C GLY C 109 -16.54 -16.26 -25.24
N GLU C 110 -15.58 -16.84 -24.51
CA GLU C 110 -15.70 -17.02 -23.07
C GLU C 110 -15.48 -15.65 -22.47
N ARG C 111 -16.35 -15.26 -21.54
CA ARG C 111 -16.28 -13.89 -21.04
C ARG C 111 -16.12 -13.79 -19.55
N ALA C 112 -15.10 -13.04 -19.16
CA ALA C 112 -14.86 -12.72 -17.76
C ALA C 112 -16.10 -12.04 -17.23
N LYS C 113 -16.45 -12.36 -16.00
CA LYS C 113 -17.68 -11.87 -15.40
C LYS C 113 -17.38 -10.87 -14.29
N GLN C 114 -18.42 -10.47 -13.57
CA GLN C 114 -18.29 -9.64 -12.38
C GLN C 114 -19.64 -9.49 -11.69
N ALA C 115 -19.58 -8.93 -10.48
CA ALA C 115 -20.75 -8.79 -9.64
C ALA C 115 -21.83 -7.97 -10.33
N LEU C 116 -23.05 -8.48 -10.24
CA LEU C 116 -24.25 -7.80 -10.69
C LEU C 116 -24.45 -6.56 -9.84
N ALA C 117 -24.58 -5.42 -10.49
CA ALA C 117 -24.63 -4.14 -9.82
C ALA C 117 -25.79 -4.08 -8.85
N PHE C 118 -25.49 -3.93 -7.56
CA PHE C 118 -26.48 -3.49 -6.56
C PHE C 118 -26.38 -1.98 -6.44
N GLU C 119 -27.36 -1.28 -6.99
CA GLU C 119 -27.30 0.17 -7.13
C GLU C 119 -28.32 0.87 -6.23
N ARG C 120 -28.50 2.16 -6.46
CA ARG C 120 -29.37 2.99 -5.66
C ARG C 120 -30.81 2.71 -6.08
N THR C 121 -31.05 2.47 -7.37
CA THR C 121 -32.38 2.05 -7.81
C THR C 121 -32.83 0.85 -6.98
N ASP C 122 -31.87 -0.02 -6.69
CA ASP C 122 -32.09 -1.28 -5.98
C ASP C 122 -32.15 -1.17 -4.46
N PHE C 123 -31.46 -0.18 -3.88
CA PHE C 123 -31.45 0.03 -2.43
C PHE C 123 -32.68 0.80 -1.96
N ASP C 124 -33.38 1.46 -2.90
CA ASP C 124 -34.64 2.16 -2.64
C ASP C 124 -35.77 1.18 -2.73
N GLN C 125 -35.70 0.32 -3.74
CA GLN C 125 -36.64 -0.77 -3.91
C GLN C 125 -36.69 -1.57 -2.62
N VAL C 126 -35.52 -1.96 -2.15
CA VAL C 126 -35.39 -2.84 -0.99
C VAL C 126 -35.91 -2.11 0.23
N ARG C 127 -35.30 -0.97 0.54
CA ARG C 127 -35.77 -0.10 1.63
C ARG C 127 -37.29 0.04 1.54
N SER C 128 -37.80 0.42 0.37
CA SER C 128 -39.24 0.53 0.20
C SER C 128 -39.96 -0.72 0.73
N LEU C 129 -39.50 -1.88 0.26
CA LEU C 129 -40.13 -3.18 0.57
C LEU C 129 -39.96 -3.65 2.02
N MET C 130 -39.02 -3.10 2.75
CA MET C 130 -38.82 -3.53 4.13
C MET C 130 -38.30 -2.42 5.05
N GLU C 131 -38.67 -1.16 4.73
CA GLU C 131 -38.22 0.01 5.51
C GLU C 131 -38.72 -0.16 6.96
N ASN C 132 -40.02 -0.38 7.06
CA ASN C 132 -40.73 -0.34 8.33
C ASN C 132 -41.25 -1.74 8.74
N SER C 133 -40.68 -2.81 8.18
CA SER C 133 -40.86 -4.16 8.73
C SER C 133 -40.06 -4.32 10.03
N ASP C 134 -40.64 -5.04 11.00
CA ASP C 134 -40.11 -5.08 12.36
C ASP C 134 -39.38 -6.37 12.69
N ARG C 135 -39.17 -7.20 11.65
CA ARG C 135 -38.46 -8.47 11.77
C ARG C 135 -36.98 -8.25 12.02
N CYS C 136 -36.42 -8.90 13.03
CA CYS C 136 -35.06 -8.63 13.47
C CYS C 136 -33.95 -8.94 12.42
N GLN C 137 -34.23 -9.84 11.50
CA GLN C 137 -33.29 -10.15 10.43
C GLN C 137 -33.52 -9.23 9.25
N ASP C 138 -34.77 -8.85 9.00
CA ASP C 138 -35.05 -7.86 7.97
C ASP C 138 -34.32 -6.52 8.33
N ILE C 139 -34.27 -6.21 9.63
CA ILE C 139 -33.56 -5.05 10.17
C ILE C 139 -32.03 -5.17 9.98
N ARG C 140 -31.46 -6.32 10.32
CA ARG C 140 -30.03 -6.59 10.10
C ARG C 140 -29.62 -6.50 8.65
N ASN C 141 -30.30 -7.23 7.79
CA ASN C 141 -29.97 -7.24 6.38
C ASN C 141 -30.01 -5.84 5.77
N LEU C 142 -31.07 -5.11 6.10
CA LEU C 142 -31.23 -3.74 5.63
C LEU C 142 -30.04 -2.87 6.07
N ALA C 143 -29.60 -3.01 7.31
CA ALA C 143 -28.45 -2.25 7.80
C ALA C 143 -27.21 -2.55 6.97
N PHE C 144 -26.92 -3.84 6.86
CA PHE C 144 -25.72 -4.33 6.19
C PHE C 144 -25.67 -3.92 4.72
N LEU C 145 -26.80 -3.97 4.03
CA LEU C 145 -26.84 -3.47 2.66
C LEU C 145 -26.42 -2.00 2.63
N GLY C 146 -26.94 -1.21 3.58
CA GLY C 146 -26.45 0.14 3.86
C GLY C 146 -24.91 0.22 3.90
N ILE C 147 -24.31 -0.41 4.89
CA ILE C 147 -22.85 -0.37 5.04
C ILE C 147 -22.11 -0.78 3.77
N ALA C 148 -22.63 -1.74 3.02
CA ALA C 148 -21.93 -2.28 1.86
C ALA C 148 -21.96 -1.31 0.68
N TYR C 149 -23.04 -0.57 0.56
CA TYR C 149 -23.20 0.41 -0.51
C TYR C 149 -22.37 1.61 -0.17
N ASN C 150 -22.62 2.15 1.01
CA ASN C 150 -21.94 3.34 1.51
C ASN C 150 -20.45 3.26 1.55
N THR C 151 -19.92 2.08 1.90
CA THR C 151 -18.48 1.95 2.15
C THR C 151 -17.77 1.09 1.14
N LEU C 152 -18.49 0.57 0.16
CA LEU C 152 -17.86 -0.20 -0.88
C LEU C 152 -16.83 -1.14 -0.27
N LEU C 153 -17.06 -1.58 0.98
CA LEU C 153 -16.11 -2.42 1.70
C LEU C 153 -16.28 -3.86 1.26
N ARG C 154 -15.17 -4.60 1.14
CA ARG C 154 -15.24 -6.05 0.83
C ARG C 154 -16.07 -6.77 1.90
N ILE C 155 -16.38 -8.06 1.73
CA ILE C 155 -17.26 -8.76 2.69
C ILE C 155 -16.51 -9.22 3.94
N ALA C 156 -15.31 -9.78 3.78
CA ALA C 156 -14.50 -10.16 4.94
C ALA C 156 -14.23 -8.93 5.79
N GLU C 157 -14.19 -7.77 5.14
CA GLU C 157 -13.93 -6.54 5.84
C GLU C 157 -15.10 -6.19 6.74
N ILE C 158 -16.31 -6.34 6.24
CA ILE C 158 -17.52 -6.01 7.03
C ILE C 158 -17.75 -7.03 8.20
N ALA C 159 -17.32 -8.27 7.96
CA ALA C 159 -17.31 -9.31 8.98
C ALA C 159 -16.59 -8.82 10.21
N ARG C 160 -15.37 -8.30 9.99
CA ARG C 160 -14.48 -7.88 11.06
C ARG C 160 -14.95 -6.68 11.85
N ILE C 161 -15.74 -5.79 11.27
CA ILE C 161 -16.20 -4.62 12.01
C ILE C 161 -16.63 -5.00 13.42
N ARG C 162 -16.35 -4.12 14.40
CA ARG C 162 -16.97 -4.21 15.75
C ARG C 162 -17.57 -2.86 16.20
N VAL C 163 -18.24 -2.85 17.35
CA VAL C 163 -18.90 -1.65 17.87
C VAL C 163 -17.90 -0.61 18.41
N LYS C 164 -16.77 -1.13 18.92
CA LYS C 164 -15.61 -0.33 19.36
C LYS C 164 -14.91 0.38 18.19
N ASP C 165 -15.28 0.02 16.95
CA ASP C 165 -14.74 0.68 15.78
C ASP C 165 -15.71 1.72 15.23
N ILE C 166 -16.60 2.22 16.07
CA ILE C 166 -17.67 3.10 15.62
C ILE C 166 -17.78 4.35 16.50
N SER C 167 -17.27 5.49 16.00
CA SER C 167 -17.40 6.79 16.68
C SER C 167 -18.55 7.61 16.03
N ARG C 168 -18.48 8.95 16.05
CA ARG C 168 -19.49 9.78 15.37
C ARG C 168 -18.92 11.04 14.70
N THR C 169 -19.78 11.75 13.96
CA THR C 169 -19.52 13.10 13.43
C THR C 169 -20.85 13.84 13.14
N ASP C 170 -20.80 14.90 12.34
CA ASP C 170 -21.97 15.78 12.08
C ASP C 170 -23.26 15.01 11.78
N GLY C 171 -24.31 15.27 12.58
CA GLY C 171 -25.61 14.65 12.41
C GLY C 171 -25.77 13.31 13.12
N GLY C 172 -24.70 12.52 13.16
CA GLY C 172 -24.71 11.16 13.69
C GLY C 172 -23.76 10.25 12.93
N ARG C 173 -23.64 10.49 11.62
CA ARG C 173 -22.76 9.73 10.71
C ARG C 173 -21.64 8.94 11.40
N MET C 174 -21.69 7.62 11.32
CA MET C 174 -20.79 6.76 12.08
C MET C 174 -19.41 6.67 11.45
N LEU C 175 -18.43 6.45 12.32
CA LEU C 175 -17.01 6.50 11.98
C LEU C 175 -16.43 5.11 12.02
N ILE C 176 -16.40 4.43 10.89
CA ILE C 176 -15.95 3.06 10.89
C ILE C 176 -14.46 2.97 10.63
N HIS C 177 -13.66 2.91 11.70
CA HIS C 177 -12.23 2.62 11.54
C HIS C 177 -12.11 1.18 11.07
N ILE C 178 -11.11 0.91 10.25
CA ILE C 178 -11.07 -0.33 9.49
C ILE C 178 -9.69 -0.96 9.42
N GLY C 179 -9.69 -2.20 8.93
CA GLY C 179 -8.48 -2.84 8.43
C GLY C 179 -8.63 -3.08 6.93
N ARG C 180 -8.95 -2.02 6.19
CA ARG C 180 -9.02 -2.07 4.71
C ARG C 180 -7.65 -2.40 4.09
N THR C 181 -6.60 -2.17 4.89
CA THR C 181 -5.26 -2.61 4.56
C THR C 181 -4.91 -3.93 5.26
N LYS C 182 -4.34 -4.84 4.48
CA LYS C 182 -3.53 -5.95 5.01
C LYS C 182 -2.19 -5.88 4.25
N THR C 183 -1.60 -4.67 4.25
CA THR C 183 -0.33 -4.40 3.57
C THR C 183 0.50 -3.39 4.36
N LEU C 184 1.82 -3.53 4.28
CA LEU C 184 2.75 -2.67 5.04
C LEU C 184 2.82 -1.22 4.51
N VAL C 185 3.33 -1.05 3.28
CA VAL C 185 3.33 0.25 2.62
C VAL C 185 1.88 0.50 2.19
N SER C 186 1.11 1.07 3.13
CA SER C 186 -0.34 1.27 2.99
C SER C 186 -0.90 1.91 4.26
N THR C 187 -2.10 2.50 4.16
CA THR C 187 -2.66 3.33 5.23
C THR C 187 -2.62 2.65 6.60
N ALA C 188 -2.40 3.45 7.66
CA ALA C 188 -2.28 2.94 9.05
C ALA C 188 -3.63 2.82 9.76
N GLY C 189 -4.66 2.40 9.01
CA GLY C 189 -6.05 2.54 9.42
C GLY C 189 -6.74 3.56 8.53
N VAL C 190 -7.93 3.21 8.02
CA VAL C 190 -8.71 4.11 7.17
C VAL C 190 -10.00 4.48 7.88
N GLU C 191 -10.94 5.09 7.16
CA GLU C 191 -12.15 5.64 7.80
C GLU C 191 -13.29 5.81 6.80
N LYS C 192 -14.52 5.56 7.25
CA LYS C 192 -15.69 5.64 6.38
C LYS C 192 -16.86 6.26 7.09
N ALA C 193 -17.41 7.31 6.48
CA ALA C 193 -18.59 7.96 7.02
C ALA C 193 -19.82 7.33 6.38
N LEU C 194 -20.75 6.92 7.23
CA LEU C 194 -22.05 6.47 6.76
C LEU C 194 -22.91 7.70 6.61
N SER C 195 -23.96 7.57 5.80
CA SER C 195 -24.89 8.65 5.58
C SER C 195 -25.68 8.79 6.83
N LEU C 196 -26.68 9.67 6.81
CA LEU C 196 -27.55 9.86 7.95
C LEU C 196 -28.68 8.83 7.94
N GLY C 197 -29.22 8.57 6.75
CA GLY C 197 -30.24 7.53 6.60
C GLY C 197 -29.72 6.14 6.90
N VAL C 198 -28.47 5.87 6.53
CA VAL C 198 -27.84 4.57 6.75
C VAL C 198 -27.32 4.44 8.19
N THR C 199 -26.78 5.52 8.73
CA THR C 199 -26.46 5.58 10.16
C THR C 199 -27.69 5.25 11.02
N LYS C 200 -28.86 5.68 10.55
CA LYS C 200 -30.14 5.40 11.20
C LYS C 200 -30.44 3.90 11.24
N LEU C 201 -30.15 3.20 10.13
CA LEU C 201 -30.37 1.75 9.99
C LEU C 201 -29.39 0.93 10.82
N VAL C 202 -28.14 1.38 10.89
CA VAL C 202 -27.13 0.73 11.74
C VAL C 202 -27.30 1.20 13.20
N GLU C 203 -28.37 1.97 13.46
CA GLU C 203 -28.80 2.30 14.82
C GLU C 203 -29.87 1.30 15.26
N ARG C 204 -31.01 1.34 14.57
CA ARG C 204 -32.11 0.39 14.76
C ARG C 204 -31.68 -1.09 14.85
N TRP C 205 -30.60 -1.45 14.15
CA TRP C 205 -30.04 -2.80 14.23
C TRP C 205 -29.30 -3.00 15.55
N ILE C 206 -28.48 -2.04 15.95
CA ILE C 206 -27.78 -2.13 17.24
C ILE C 206 -28.77 -2.22 18.42
N SER C 207 -29.93 -1.58 18.29
CA SER C 207 -30.96 -1.66 19.32
C SER C 207 -31.35 -3.12 19.49
N VAL C 208 -31.89 -3.70 18.42
CA VAL C 208 -32.50 -5.02 18.49
C VAL C 208 -31.43 -6.08 18.70
N SER C 209 -30.42 -6.12 17.84
CA SER C 209 -29.28 -7.02 18.02
C SER C 209 -28.74 -7.10 19.45
N GLY C 210 -28.60 -5.93 20.07
CA GLY C 210 -27.93 -5.79 21.34
C GLY C 210 -26.46 -6.14 21.26
N VAL C 211 -25.74 -5.59 20.28
CA VAL C 211 -24.30 -5.90 20.13
C VAL C 211 -23.40 -5.02 20.99
N ALA C 212 -23.92 -3.85 21.37
CA ALA C 212 -23.21 -2.86 22.20
C ALA C 212 -22.67 -3.44 23.51
N ASP C 213 -23.46 -4.34 24.10
CA ASP C 213 -23.21 -4.95 25.41
C ASP C 213 -21.74 -5.45 25.61
N ASP C 214 -20.94 -5.47 24.55
CA ASP C 214 -19.49 -5.61 24.66
C ASP C 214 -18.80 -4.78 23.55
N PRO C 215 -17.78 -3.98 23.89
CA PRO C 215 -16.92 -3.38 22.87
C PRO C 215 -16.46 -4.38 21.82
N ASN C 216 -15.63 -5.36 22.23
CA ASN C 216 -15.02 -6.37 21.32
C ASN C 216 -16.03 -7.21 20.45
N ASN C 217 -17.33 -7.13 20.76
CA ASN C 217 -18.39 -7.70 19.91
C ASN C 217 -18.37 -7.21 18.46
N TYR C 218 -18.43 -8.17 17.52
CA TYR C 218 -18.57 -7.89 16.09
C TYR C 218 -19.94 -7.25 15.76
N LEU C 219 -20.00 -6.33 14.81
CA LEU C 219 -21.25 -5.58 14.56
C LEU C 219 -22.37 -6.46 14.05
N PHE C 220 -22.04 -7.26 13.04
CA PHE C 220 -22.99 -8.17 12.43
C PHE C 220 -22.82 -9.56 12.99
N CYS C 221 -23.97 -10.15 13.31
CA CYS C 221 -24.04 -11.46 13.94
C CYS C 221 -25.21 -12.27 13.44
N ARG C 222 -25.08 -13.54 13.75
CA ARG C 222 -26.08 -14.55 13.52
C ARG C 222 -27.43 -14.23 14.18
N VAL C 223 -28.52 -14.54 13.47
CA VAL C 223 -29.90 -14.30 13.91
C VAL C 223 -30.71 -15.55 13.57
N ARG C 224 -31.11 -16.30 14.58
CA ARG C 224 -31.75 -17.60 14.41
C ARG C 224 -33.22 -17.49 13.99
N LYS C 225 -33.88 -18.64 13.84
CA LYS C 225 -35.24 -18.70 13.27
C LYS C 225 -36.32 -18.09 14.15
N ASN C 226 -35.97 -17.79 15.39
CA ASN C 226 -36.85 -17.16 16.37
C ASN C 226 -36.59 -15.65 16.46
N GLY C 227 -36.08 -15.06 15.38
CA GLY C 227 -35.83 -13.64 15.32
C GLY C 227 -34.98 -13.05 16.43
N VAL C 228 -34.14 -13.85 17.06
CA VAL C 228 -33.27 -13.36 18.13
C VAL C 228 -31.82 -13.32 17.65
N ALA C 229 -31.15 -12.20 17.91
CA ALA C 229 -29.73 -12.06 17.56
C ALA C 229 -28.88 -12.87 18.52
N ALA C 230 -27.66 -13.18 18.12
CA ALA C 230 -26.74 -13.92 18.97
C ALA C 230 -25.33 -13.32 18.87
N PRO C 231 -25.13 -12.17 19.53
CA PRO C 231 -23.81 -11.54 19.61
C PRO C 231 -22.64 -12.48 19.94
N SER C 232 -21.48 -12.13 19.40
CA SER C 232 -20.22 -12.79 19.71
C SER C 232 -19.04 -11.86 19.43
N ALA C 233 -17.86 -12.25 19.91
CA ALA C 233 -16.63 -11.49 19.72
C ALA C 233 -15.48 -12.44 19.44
N THR C 234 -15.72 -13.75 19.68
CA THR C 234 -14.87 -14.82 19.20
C THR C 234 -15.31 -15.30 17.79
N SER C 235 -16.57 -15.01 17.42
CA SER C 235 -17.17 -15.51 16.18
C SER C 235 -17.82 -14.41 15.32
N GLN C 236 -17.20 -14.13 14.19
CA GLN C 236 -17.75 -13.14 13.25
C GLN C 236 -18.67 -13.86 12.26
N LEU C 237 -19.64 -13.11 11.73
CA LEU C 237 -20.54 -13.66 10.73
C LEU C 237 -19.75 -14.06 9.47
N SER C 238 -19.95 -15.27 8.96
CA SER C 238 -19.14 -15.74 7.83
C SER C 238 -19.40 -14.90 6.58
N THR C 239 -18.46 -14.94 5.64
CA THR C 239 -18.65 -14.22 4.37
C THR C 239 -19.76 -14.88 3.55
N ARG C 240 -19.79 -16.22 3.58
CA ARG C 240 -20.82 -16.98 2.87
C ARG C 240 -22.24 -16.52 3.27
N ALA C 241 -22.38 -16.16 4.54
CA ALA C 241 -23.64 -15.65 5.03
C ALA C 241 -23.91 -14.28 4.44
N LEU C 242 -22.90 -13.41 4.43
CA LEU C 242 -23.12 -12.04 3.97
C LEU C 242 -23.48 -12.02 2.48
N GLU C 243 -22.80 -12.89 1.73
CA GLU C 243 -23.21 -13.34 0.42
C GLU C 243 -24.70 -13.65 0.38
N GLY C 244 -25.11 -14.52 1.29
CA GLY C 244 -26.49 -14.97 1.42
C GLY C 244 -27.48 -13.85 1.61
N ILE C 245 -27.13 -12.85 2.39
CA ILE C 245 -28.01 -11.71 2.57
C ILE C 245 -28.32 -11.12 1.18
N PHE C 246 -27.32 -11.04 0.33
CA PHE C 246 -27.45 -10.42 -1.00
C PHE C 246 -28.32 -11.21 -1.96
N GLU C 247 -28.21 -12.54 -1.87
CA GLU C 247 -28.92 -13.45 -2.74
C GLU C 247 -30.39 -13.49 -2.30
N ALA C 248 -30.58 -13.59 -1.00
CA ALA C 248 -31.89 -13.51 -0.39
C ALA C 248 -32.59 -12.22 -0.80
N THR C 249 -31.87 -11.12 -0.74
CA THR C 249 -32.44 -9.84 -1.10
C THR C 249 -32.82 -9.84 -2.59
N HIS C 250 -32.04 -10.53 -3.41
CA HIS C 250 -32.37 -10.65 -4.81
C HIS C 250 -33.61 -11.47 -5.03
N ARG C 251 -33.69 -12.61 -4.35
CA ARG C 251 -34.84 -13.53 -4.42
C ARG C 251 -36.15 -12.84 -4.03
N LEU C 252 -36.09 -12.07 -2.93
CA LEU C 252 -37.15 -11.16 -2.50
C LEU C 252 -37.84 -10.46 -3.67
N ILE C 253 -37.06 -9.74 -4.47
CA ILE C 253 -37.62 -8.95 -5.56
C ILE C 253 -37.89 -9.76 -6.84
N TYR C 254 -36.93 -10.57 -7.25
CA TYR C 254 -36.97 -11.21 -8.57
C TYR C 254 -37.32 -12.72 -8.52
N GLY C 255 -37.35 -13.29 -7.34
CA GLY C 255 -37.73 -14.68 -7.16
C GLY C 255 -36.59 -15.64 -7.46
N ALA C 256 -36.84 -16.93 -7.24
CA ALA C 256 -35.87 -18.01 -7.47
C ALA C 256 -34.93 -17.81 -8.66
N LYS C 257 -33.73 -18.39 -8.51
CA LYS C 257 -32.60 -18.17 -9.39
C LYS C 257 -32.86 -18.73 -10.78
N ASP C 258 -32.23 -18.12 -11.80
CA ASP C 258 -32.55 -18.40 -13.22
C ASP C 258 -32.27 -19.85 -13.72
N ASP C 259 -31.56 -20.65 -12.92
CA ASP C 259 -31.40 -22.10 -13.17
C ASP C 259 -30.63 -22.51 -14.46
N SER C 260 -29.65 -21.71 -14.86
CA SER C 260 -28.65 -22.13 -15.89
C SER C 260 -27.45 -22.79 -15.20
N GLY C 261 -27.36 -22.60 -13.87
CA GLY C 261 -26.16 -22.91 -13.12
C GLY C 261 -25.17 -21.76 -13.18
N GLN C 262 -25.46 -20.76 -14.02
CA GLN C 262 -24.56 -19.65 -14.37
C GLN C 262 -24.14 -18.86 -13.13
N ARG C 263 -23.29 -17.86 -13.33
CA ARG C 263 -22.84 -16.97 -12.24
C ARG C 263 -23.37 -15.54 -12.39
N TYR C 264 -23.61 -14.89 -11.26
CA TYR C 264 -24.04 -13.49 -11.20
C TYR C 264 -25.47 -13.26 -11.73
N LEU C 265 -26.38 -14.12 -11.29
CA LEU C 265 -27.79 -14.05 -11.61
C LEU C 265 -28.52 -13.27 -10.53
N ALA C 266 -28.09 -13.50 -9.30
CA ALA C 266 -28.46 -12.68 -8.16
C ALA C 266 -27.30 -11.73 -7.88
N TRP C 267 -27.44 -10.91 -6.84
CA TRP C 267 -26.33 -10.12 -6.31
C TRP C 267 -25.38 -11.00 -5.49
N SER C 268 -24.14 -10.55 -5.33
CA SER C 268 -23.19 -11.25 -4.46
C SER C 268 -22.38 -10.27 -3.62
N GLY C 269 -21.34 -10.76 -2.95
CA GLY C 269 -20.53 -9.93 -2.08
C GLY C 269 -20.13 -8.57 -2.61
N HIS C 270 -19.80 -8.51 -3.90
CA HIS C 270 -19.22 -7.32 -4.51
C HIS C 270 -20.25 -6.37 -5.15
N SER C 271 -21.46 -6.88 -5.35
CA SER C 271 -22.53 -6.12 -5.97
C SER C 271 -22.67 -4.68 -5.51
N ALA C 272 -22.52 -4.45 -4.21
CA ALA C 272 -22.62 -3.10 -3.65
C ALA C 272 -21.44 -2.22 -4.05
N ARG C 273 -20.24 -2.82 -4.05
CA ARG C 273 -19.04 -2.13 -4.55
C ARG C 273 -19.32 -1.61 -5.96
N VAL C 274 -19.45 -2.57 -6.89
CA VAL C 274 -19.80 -2.33 -8.29
C VAL C 274 -20.89 -1.30 -8.43
N GLY C 275 -21.96 -1.50 -7.70
CA GLY C 275 -23.12 -0.65 -7.85
C GLY C 275 -22.84 0.77 -7.46
N ALA C 276 -22.06 0.95 -6.40
CA ALA C 276 -21.79 2.26 -5.77
C ALA C 276 -20.88 3.11 -6.66
N ALA C 277 -19.82 2.46 -7.14
CA ALA C 277 -18.91 3.03 -8.12
C ALA C 277 -19.64 3.53 -9.38
N ARG C 278 -20.56 2.73 -9.89
CA ARG C 278 -21.33 3.09 -11.07
C ARG C 278 -22.20 4.29 -10.77
N ASP C 279 -22.90 4.25 -9.65
CA ASP C 279 -23.74 5.35 -9.20
C ASP C 279 -22.92 6.64 -9.04
N MET C 280 -21.67 6.47 -8.60
CA MET C 280 -20.77 7.57 -8.23
C MET C 280 -20.26 8.26 -9.51
N ALA C 281 -19.97 7.46 -10.52
CA ALA C 281 -19.52 7.98 -11.82
C ALA C 281 -20.68 8.51 -12.68
N ARG C 282 -21.90 8.09 -12.35
CA ARG C 282 -23.09 8.52 -13.09
C ARG C 282 -23.34 10.00 -12.81
N ALA C 283 -23.26 10.36 -11.54
CA ALA C 283 -23.44 11.74 -11.10
C ALA C 283 -22.15 12.56 -11.22
N GLY C 284 -21.14 12.00 -11.89
CA GLY C 284 -19.89 12.70 -12.10
C GLY C 284 -19.10 12.86 -10.81
N VAL C 285 -18.02 12.10 -10.71
CA VAL C 285 -17.10 12.16 -9.57
C VAL C 285 -15.71 11.79 -10.11
N SER C 286 -14.68 12.53 -9.71
CA SER C 286 -13.32 12.28 -10.22
C SER C 286 -13.04 10.78 -10.14
N ILE C 287 -12.56 10.18 -11.23
CA ILE C 287 -12.27 8.75 -11.24
C ILE C 287 -11.36 8.38 -10.04
N PRO C 288 -10.26 9.09 -9.82
CA PRO C 288 -9.40 8.78 -8.67
C PRO C 288 -10.06 9.01 -7.31
N GLU C 289 -11.17 9.76 -7.28
CA GLU C 289 -12.03 9.85 -6.10
C GLU C 289 -12.74 8.51 -5.87
N ILE C 290 -13.40 8.00 -6.92
CA ILE C 290 -13.96 6.66 -6.93
C ILE C 290 -12.93 5.63 -6.46
N MET C 291 -11.72 5.74 -7.01
CA MET C 291 -10.62 4.81 -6.69
C MET C 291 -10.31 4.77 -5.21
N GLN C 292 -10.49 5.90 -4.54
CA GLN C 292 -10.21 5.99 -3.12
C GLN C 292 -11.38 5.49 -2.27
N ALA C 293 -12.59 5.52 -2.83
CA ALA C 293 -13.81 5.17 -2.10
C ALA C 293 -13.87 3.68 -1.73
N GLY C 294 -13.36 2.82 -2.60
CA GLY C 294 -13.23 1.41 -2.29
C GLY C 294 -11.79 0.96 -2.28
N GLY C 295 -10.87 1.90 -2.03
CA GLY C 295 -9.45 1.59 -1.89
C GLY C 295 -8.78 0.91 -3.06
N TRP C 296 -9.18 1.24 -4.28
CA TRP C 296 -8.47 0.81 -5.49
C TRP C 296 -7.20 1.62 -5.76
N THR C 297 -6.16 0.94 -6.28
CA THR C 297 -5.01 1.61 -6.93
C THR C 297 -4.50 0.70 -8.07
N ASN C 298 -5.27 0.67 -9.16
CA ASN C 298 -5.07 -0.24 -10.29
C ASN C 298 -6.31 -0.16 -11.22
N VAL C 299 -6.56 1.03 -11.76
CA VAL C 299 -7.84 1.39 -12.39
C VAL C 299 -8.41 0.40 -13.41
N ASN C 300 -7.59 -0.49 -13.93
CA ASN C 300 -8.08 -1.61 -14.75
C ASN C 300 -9.48 -2.14 -14.34
N ILE C 301 -9.67 -2.29 -13.02
CA ILE C 301 -10.82 -2.96 -12.43
C ILE C 301 -12.07 -2.07 -12.34
N VAL C 302 -11.92 -0.92 -11.69
CA VAL C 302 -13.01 0.03 -11.55
C VAL C 302 -13.59 0.42 -12.92
N MET C 303 -12.70 0.58 -13.88
CA MET C 303 -13.05 0.80 -15.29
C MET C 303 -14.04 -0.23 -15.78
N ASN C 304 -13.74 -1.48 -15.48
CA ASN C 304 -14.60 -2.58 -15.89
C ASN C 304 -16.00 -2.52 -15.28
N TYR C 305 -16.13 -1.88 -14.11
CA TYR C 305 -17.43 -1.75 -13.47
C TYR C 305 -18.30 -0.65 -14.10
N ILE C 306 -17.70 0.45 -14.56
CA ILE C 306 -18.45 1.59 -15.12
C ILE C 306 -18.41 1.74 -16.66
N ARG C 307 -18.04 0.66 -17.33
CA ARG C 307 -17.86 0.65 -18.79
C ARG C 307 -19.11 1.05 -19.59
N ASN C 308 -20.27 0.48 -19.25
CA ASN C 308 -21.49 0.74 -20.02
C ASN C 308 -22.28 1.97 -19.58
N LEU C 309 -21.65 2.84 -18.81
CA LEU C 309 -22.25 4.11 -18.50
C LEU C 309 -22.09 5.05 -19.67
N ASP C 310 -23.07 5.92 -19.86
CA ASP C 310 -23.06 6.88 -20.94
C ASP C 310 -22.02 7.99 -20.74
N SER C 311 -21.63 8.25 -19.50
CA SER C 311 -20.60 9.24 -19.20
C SER C 311 -19.16 8.74 -19.53
N GLU C 312 -19.05 7.44 -19.81
CA GLU C 312 -17.76 6.80 -20.06
C GLU C 312 -17.56 6.35 -21.52
N THR C 313 -18.51 6.70 -22.39
CA THR C 313 -18.53 6.22 -23.79
C THR C 313 -17.39 6.69 -24.69
N GLY C 314 -16.62 7.69 -24.23
CA GLY C 314 -15.38 8.07 -24.87
C GLY C 314 -15.45 9.28 -25.77
N ALA C 315 -14.26 9.65 -26.25
CA ALA C 315 -14.07 10.84 -27.04
C ALA C 315 -14.78 10.80 -28.37
N MET C 316 -14.72 9.67 -29.06
CA MET C 316 -15.34 9.54 -30.36
C MET C 316 -16.85 9.79 -30.32
N VAL C 317 -17.55 9.25 -29.33
CA VAL C 317 -18.98 9.48 -29.18
C VAL C 317 -19.24 10.96 -28.94
N ARG C 318 -18.43 11.55 -28.06
CA ARG C 318 -18.52 12.97 -27.78
C ARG C 318 -18.37 13.83 -29.07
N LEU C 319 -17.25 13.73 -29.79
CA LEU C 319 -17.07 14.37 -31.11
C LEU C 319 -18.23 14.18 -32.07
N LEU C 320 -18.74 12.95 -32.16
CA LEU C 320 -19.72 12.60 -33.19
C LEU C 320 -21.06 13.30 -32.94
N GLU C 321 -21.40 13.48 -31.67
CA GLU C 321 -22.58 14.25 -31.30
C GLU C 321 -22.32 15.77 -31.26
N ASP C 322 -21.31 16.22 -32.02
CA ASP C 322 -21.05 17.61 -32.40
C ASP C 322 -20.95 18.52 -31.19
N SER D 1 38.03 -18.99 -1.15
CA SER D 1 38.00 -18.88 -2.64
C SER D 1 38.66 -17.60 -3.09
N ASP D 2 39.37 -17.72 -4.21
CA ASP D 2 40.11 -16.62 -4.80
C ASP D 2 39.12 -15.63 -5.43
N GLU D 3 38.13 -16.12 -6.15
CA GLU D 3 37.20 -15.23 -6.85
C GLU D 3 36.40 -14.33 -5.92
N VAL D 4 36.00 -14.87 -4.77
CA VAL D 4 35.19 -14.14 -3.80
C VAL D 4 36.01 -13.01 -3.19
N ARG D 5 37.25 -13.31 -2.83
CA ARG D 5 38.14 -12.26 -2.34
C ARG D 5 38.24 -11.13 -3.38
N LYS D 6 38.39 -11.50 -4.65
CA LYS D 6 38.60 -10.55 -5.77
C LYS D 6 37.40 -9.63 -5.96
N ASN D 7 36.22 -10.23 -6.06
CA ASN D 7 34.95 -9.52 -6.18
C ASN D 7 34.74 -8.53 -5.06
N LEU D 8 34.90 -8.97 -3.83
CA LEU D 8 34.87 -8.08 -2.65
C LEU D 8 35.91 -6.96 -2.71
N MET D 9 37.13 -7.30 -3.11
CA MET D 9 38.18 -6.31 -3.26
C MET D 9 37.80 -5.29 -4.33
N ASP D 10 37.17 -5.74 -5.41
CA ASP D 10 36.78 -4.84 -6.48
C ASP D 10 35.71 -3.86 -6.02
N MET D 11 34.72 -4.35 -5.29
CA MET D 11 33.65 -3.49 -4.76
C MET D 11 34.19 -2.42 -3.80
N PHE D 12 35.19 -2.80 -3.02
CA PHE D 12 35.78 -1.89 -2.06
C PHE D 12 36.64 -0.87 -2.78
N ARG D 13 37.33 -1.28 -3.82
CA ARG D 13 38.17 -0.38 -4.59
C ARG D 13 37.37 0.81 -5.16
N ASP D 14 36.19 0.50 -5.70
CA ASP D 14 35.29 1.52 -6.23
C ASP D 14 34.05 1.60 -5.37
N ARG D 15 34.28 1.70 -4.07
CA ARG D 15 33.20 1.88 -3.10
C ARG D 15 32.36 3.13 -3.37
N GLN D 16 32.96 4.11 -4.01
CA GLN D 16 32.32 5.38 -4.31
C GLN D 16 31.21 5.24 -5.35
N ALA D 17 31.06 4.03 -5.90
CA ALA D 17 29.97 3.67 -6.81
C ALA D 17 28.67 3.48 -6.07
N PHE D 18 28.76 3.28 -4.76
CA PHE D 18 27.61 3.10 -3.91
C PHE D 18 27.48 4.28 -2.98
N SER D 19 26.25 4.55 -2.58
CA SER D 19 26.00 5.58 -1.60
C SER D 19 26.79 5.22 -0.36
N GLU D 20 27.28 6.23 0.33
CA GLU D 20 27.97 6.03 1.59
C GLU D 20 27.01 5.43 2.63
N HIS D 21 25.72 5.64 2.44
CA HIS D 21 24.70 5.13 3.35
C HIS D 21 24.47 3.64 3.18
N THR D 22 24.59 3.20 1.94
CA THR D 22 24.68 1.77 1.65
C THR D 22 25.83 1.16 2.41
N TRP D 23 27.02 1.75 2.31
CA TRP D 23 28.14 1.26 3.11
C TRP D 23 27.84 1.33 4.59
N LYS D 24 27.24 2.43 5.04
CA LYS D 24 26.94 2.60 6.46
C LYS D 24 26.11 1.41 6.93
N MET D 25 25.09 1.06 6.16
CA MET D 25 24.15 0.03 6.56
C MET D 25 24.61 -1.40 6.27
N LEU D 26 25.38 -1.59 5.19
CA LEU D 26 26.18 -2.82 5.04
C LEU D 26 26.93 -3.18 6.31
N LEU D 27 27.77 -2.28 6.83
CA LEU D 27 28.59 -2.59 7.99
C LEU D 27 27.73 -2.78 9.26
N SER D 28 26.64 -2.05 9.32
CA SER D 28 25.83 -2.08 10.52
C SER D 28 25.12 -3.41 10.60
N VAL D 29 24.51 -3.81 9.49
CA VAL D 29 23.92 -5.13 9.41
C VAL D 29 24.98 -6.22 9.67
N CYS D 30 26.16 -6.09 9.08
CA CYS D 30 27.22 -7.06 9.30
C CYS D 30 27.59 -7.17 10.75
N ARG D 31 27.55 -6.06 11.45
CA ARG D 31 27.88 -6.06 12.86
C ARG D 31 26.85 -6.82 13.66
N SER D 32 25.58 -6.68 13.27
CA SER D 32 24.49 -7.29 14.01
C SER D 32 24.46 -8.79 13.79
N TRP D 33 24.63 -9.18 12.53
CA TRP D 33 24.70 -10.56 12.09
C TRP D 33 25.95 -11.25 12.63
N ALA D 34 27.10 -10.58 12.51
CA ALA D 34 28.34 -11.03 13.17
C ALA D 34 28.13 -11.32 14.65
N ALA D 35 27.37 -10.48 15.30
CA ALA D 35 27.18 -10.60 16.73
C ALA D 35 26.32 -11.79 17.00
N TRP D 36 25.27 -11.97 16.22
CA TRP D 36 24.34 -13.07 16.42
C TRP D 36 25.02 -14.42 16.17
N CYS D 37 25.86 -14.45 15.16
CA CYS D 37 26.65 -15.61 14.85
C CYS D 37 27.61 -15.97 15.96
N LYS D 38 28.19 -14.96 16.59
CA LYS D 38 29.17 -15.20 17.64
C LYS D 38 28.48 -15.75 18.89
N LEU D 39 27.33 -15.19 19.22
CA LEU D 39 26.48 -15.66 20.29
C LEU D 39 26.02 -17.09 20.12
N ASN D 40 25.97 -17.61 18.89
CA ASN D 40 25.41 -18.93 18.59
C ASN D 40 26.45 -19.87 17.95
N ASN D 41 27.71 -19.51 18.08
CA ASN D 41 28.83 -20.17 17.38
C ASN D 41 28.53 -20.56 15.94
N ARG D 42 28.41 -19.58 15.05
CA ARG D 42 28.01 -19.82 13.66
C ARG D 42 28.91 -19.12 12.68
N LYS D 43 29.28 -19.79 11.59
CA LYS D 43 30.09 -19.15 10.57
C LYS D 43 29.31 -17.98 10.02
N TRP D 44 29.89 -16.79 10.10
CA TRP D 44 29.20 -15.61 9.70
C TRP D 44 29.36 -15.30 8.23
N PHE D 45 30.49 -15.58 7.58
CA PHE D 45 30.48 -15.20 6.17
C PHE D 45 29.69 -16.20 5.38
N PRO D 46 30.21 -17.02 4.46
CA PRO D 46 29.20 -17.55 3.54
C PRO D 46 28.07 -17.97 4.49
N ALA D 47 26.96 -17.25 4.44
CA ALA D 47 25.96 -17.41 5.47
C ALA D 47 25.01 -18.51 5.03
N GLU D 48 24.75 -19.39 5.97
CA GLU D 48 23.83 -20.48 5.79
C GLU D 48 22.38 -19.98 5.89
N PRO D 49 21.55 -20.38 4.93
CA PRO D 49 20.12 -20.05 4.94
C PRO D 49 19.43 -20.25 6.28
N GLU D 50 19.60 -21.41 6.86
CA GLU D 50 18.93 -21.73 8.10
C GLU D 50 19.37 -20.80 9.22
N ASP D 51 20.64 -20.43 9.20
CA ASP D 51 21.17 -19.48 10.17
C ASP D 51 20.54 -18.13 9.97
N VAL D 52 20.51 -17.68 8.71
CA VAL D 52 19.81 -16.47 8.32
C VAL D 52 18.30 -16.50 8.73
N ARG D 53 17.63 -17.65 8.62
CA ARG D 53 16.25 -17.75 9.06
C ARG D 53 16.15 -17.55 10.55
N ASP D 54 17.00 -18.22 11.32
CA ASP D 54 16.99 -18.02 12.77
C ASP D 54 17.22 -16.54 13.13
N TYR D 55 18.05 -15.86 12.36
CA TYR D 55 18.45 -14.50 12.68
C TYR D 55 17.32 -13.53 12.38
N LEU D 56 16.63 -13.71 11.27
CA LEU D 56 15.47 -12.89 10.94
C LEU D 56 14.38 -13.08 11.97
N LEU D 57 14.21 -14.31 12.45
CA LEU D 57 13.23 -14.58 13.49
C LEU D 57 13.60 -13.94 14.80
N TYR D 58 14.88 -13.71 15.01
CA TYR D 58 15.36 -13.14 16.24
C TYR D 58 15.18 -11.64 16.18
N LEU D 59 15.38 -11.05 15.01
CA LEU D 59 15.11 -9.66 14.80
C LEU D 59 13.63 -9.38 15.02
N GLN D 60 12.77 -10.21 14.44
CA GLN D 60 11.33 -10.16 14.70
C GLN D 60 11.03 -10.20 16.19
N ALA D 61 11.71 -11.09 16.90
CA ALA D 61 11.44 -11.35 18.32
C ALA D 61 11.92 -10.23 19.18
N ARG D 62 12.84 -9.39 18.68
CA ARG D 62 13.22 -8.17 19.37
C ARG D 62 12.21 -7.03 19.13
N GLY D 63 11.19 -7.29 18.34
CA GLY D 63 10.21 -6.28 18.06
C GLY D 63 10.60 -5.26 17.01
N LEU D 64 11.47 -5.66 16.09
CA LEU D 64 11.93 -4.77 15.03
C LEU D 64 10.93 -4.70 13.86
N ALA D 65 10.96 -3.57 13.16
CA ALA D 65 10.03 -3.28 12.10
C ALA D 65 10.20 -4.29 10.96
N VAL D 66 9.13 -4.59 10.23
CA VAL D 66 9.23 -5.49 9.08
C VAL D 66 10.28 -4.93 8.13
N LYS D 67 10.29 -3.62 7.97
CA LYS D 67 11.13 -2.98 6.98
C LYS D 67 12.58 -3.02 7.39
N THR D 68 12.83 -2.95 8.69
CA THR D 68 14.19 -3.04 9.18
C THR D 68 14.73 -4.46 9.00
N ILE D 69 13.85 -5.45 9.15
CA ILE D 69 14.22 -6.82 8.95
C ILE D 69 14.50 -7.06 7.46
N GLN D 70 13.69 -6.46 6.60
CA GLN D 70 13.98 -6.57 5.19
C GLN D 70 15.38 -5.98 4.86
N GLN D 71 15.77 -4.93 5.59
CA GLN D 71 17.10 -4.28 5.47
C GLN D 71 18.26 -5.22 5.78
N HIS D 72 18.11 -5.98 6.85
CA HIS D 72 19.15 -6.91 7.27
C HIS D 72 19.34 -8.00 6.21
N LEU D 73 18.23 -8.53 5.72
CA LEU D 73 18.25 -9.45 4.60
C LEU D 73 18.85 -8.80 3.31
N GLY D 74 18.41 -7.57 3.04
CA GLY D 74 18.85 -6.88 1.86
C GLY D 74 20.36 -6.83 1.76
N GLN D 75 21.03 -6.43 2.84
CA GLN D 75 22.48 -6.26 2.85
C GLN D 75 23.20 -7.63 2.81
N LEU D 76 22.72 -8.59 3.59
CA LEU D 76 23.20 -9.95 3.48
C LEU D 76 23.11 -10.42 2.01
N ASN D 77 21.96 -10.12 1.36
CA ASN D 77 21.77 -10.51 -0.03
C ASN D 77 22.78 -9.83 -0.93
N MET D 78 23.07 -8.56 -0.65
CA MET D 78 23.95 -7.81 -1.50
C MET D 78 25.38 -8.26 -1.29
N LEU D 79 25.74 -8.54 -0.04
CA LEU D 79 27.09 -8.95 0.26
C LEU D 79 27.41 -10.27 -0.44
N HIS D 80 26.43 -11.18 -0.48
CA HIS D 80 26.60 -12.48 -1.11
C HIS D 80 26.56 -12.37 -2.63
N ARG D 81 25.57 -11.66 -3.15
CA ARG D 81 25.41 -11.56 -4.59
C ARG D 81 26.60 -10.89 -5.22
N ARG D 82 27.17 -9.89 -4.58
CA ARG D 82 28.30 -9.18 -5.17
C ARG D 82 29.57 -9.93 -4.93
N SER D 83 29.57 -10.82 -3.95
CA SER D 83 30.69 -11.75 -3.77
C SER D 83 30.81 -12.78 -4.87
N GLY D 84 29.72 -13.01 -5.63
CA GLY D 84 29.62 -14.12 -6.57
C GLY D 84 28.94 -15.36 -5.99
N LEU D 85 28.67 -15.34 -4.69
CA LEU D 85 27.93 -16.39 -3.98
C LEU D 85 26.41 -16.23 -4.15
N PRO D 86 25.66 -17.33 -3.99
CA PRO D 86 24.19 -17.30 -3.89
C PRO D 86 23.68 -16.45 -2.70
N ARG D 87 22.57 -15.77 -2.90
CA ARG D 87 21.90 -14.99 -1.86
C ARG D 87 21.17 -15.91 -0.93
N PRO D 88 21.14 -15.56 0.35
CA PRO D 88 20.23 -16.19 1.29
C PRO D 88 18.79 -16.27 0.80
N SER D 89 18.31 -15.21 0.20
CA SER D 89 16.94 -15.17 -0.32
C SER D 89 16.73 -16.18 -1.45
N ASP D 90 17.82 -16.64 -2.06
CA ASP D 90 17.77 -17.74 -3.02
C ASP D 90 17.34 -19.09 -2.48
N SER D 91 17.29 -19.25 -1.17
CA SER D 91 16.73 -20.46 -0.59
C SER D 91 15.32 -20.24 -0.05
N ASN D 92 14.53 -21.31 0.07
CA ASN D 92 13.18 -21.23 0.62
C ASN D 92 13.08 -20.87 2.07
N ALA D 93 14.02 -21.37 2.86
CA ALA D 93 14.01 -21.09 4.31
C ALA D 93 13.95 -19.60 4.57
N VAL D 94 14.74 -18.85 3.83
CA VAL D 94 14.85 -17.40 4.04
C VAL D 94 13.71 -16.67 3.36
N SER D 95 13.30 -17.17 2.20
CA SER D 95 12.30 -16.50 1.39
C SER D 95 10.98 -16.54 2.06
N LEU D 96 10.61 -17.77 2.37
CA LEU D 96 9.34 -18.07 2.99
C LEU D 96 9.25 -17.46 4.36
N VAL D 97 10.35 -17.41 5.10
CA VAL D 97 10.25 -16.89 6.47
C VAL D 97 10.10 -15.39 6.51
N MET D 98 10.60 -14.74 5.46
CA MET D 98 10.61 -13.28 5.34
C MET D 98 9.21 -12.85 5.02
N ARG D 99 8.59 -13.64 4.16
CA ARG D 99 7.23 -13.47 3.70
C ARG D 99 6.30 -13.78 4.84
N ARG D 100 6.66 -14.75 5.64
CA ARG D 100 5.89 -15.10 6.80
C ARG D 100 6.01 -14.03 7.88
N ILE D 101 7.22 -13.52 8.14
CA ILE D 101 7.41 -12.53 9.22
C ILE D 101 6.59 -11.26 8.92
N ARG D 102 6.53 -10.90 7.65
CA ARG D 102 5.80 -9.73 7.15
C ARG D 102 4.33 -9.91 7.38
N LYS D 103 3.81 -11.06 6.94
CA LYS D 103 2.43 -11.45 7.17
C LYS D 103 2.01 -11.46 8.64
N GLU D 104 2.81 -12.02 9.54
CA GLU D 104 2.46 -12.03 10.97
C GLU D 104 2.45 -10.63 11.57
N ASN D 105 3.45 -9.82 11.26
CA ASN D 105 3.59 -8.52 11.88
C ASN D 105 2.48 -7.63 11.38
N VAL D 106 2.34 -7.60 10.05
CA VAL D 106 1.32 -6.78 9.39
C VAL D 106 -0.06 -7.18 9.90
N ASP D 107 -0.27 -8.49 10.07
CA ASP D 107 -1.54 -9.04 10.58
C ASP D 107 -1.62 -8.96 12.09
N ALA D 108 -0.88 -8.03 12.66
CA ALA D 108 -0.99 -7.69 14.07
C ALA D 108 -0.87 -6.17 14.19
N GLY D 109 -1.03 -5.48 13.06
CA GLY D 109 -1.07 -4.02 13.04
C GLY D 109 0.13 -3.32 12.45
N GLU D 110 1.29 -3.96 12.44
CA GLU D 110 2.47 -3.24 12.04
C GLU D 110 2.18 -2.50 10.73
N ARG D 111 2.54 -1.23 10.69
CA ARG D 111 2.45 -0.46 9.47
C ARG D 111 3.61 0.52 9.40
N ALA D 112 4.15 0.67 8.20
CA ALA D 112 5.18 1.67 7.95
C ALA D 112 4.60 3.06 8.17
N LYS D 113 5.16 3.79 9.14
CA LYS D 113 4.75 5.16 9.41
C LYS D 113 5.26 6.13 8.36
N GLN D 114 4.67 7.29 8.30
CA GLN D 114 5.24 8.35 7.47
C GLN D 114 5.42 9.60 8.32
N ALA D 115 6.30 10.46 7.85
CA ALA D 115 6.55 11.74 8.49
C ALA D 115 5.25 12.52 8.72
N LEU D 116 5.13 13.05 9.93
CA LEU D 116 4.15 14.07 10.25
C LEU D 116 4.17 15.19 9.22
N ALA D 117 2.99 15.53 8.70
CA ALA D 117 2.95 16.44 7.57
C ALA D 117 3.23 17.85 8.01
N PHE D 118 4.06 18.52 7.25
CA PHE D 118 4.24 19.94 7.33
C PHE D 118 3.60 20.54 6.07
N GLU D 119 2.41 21.11 6.23
CA GLU D 119 1.64 21.60 5.11
C GLU D 119 1.63 23.11 5.10
N ARG D 120 0.93 23.67 4.11
CA ARG D 120 0.87 25.11 3.84
C ARG D 120 0.48 25.89 5.12
N THR D 121 -0.52 25.38 5.80
CA THR D 121 -1.03 26.08 6.97
C THR D 121 0.05 26.16 8.01
N ASP D 122 0.80 25.08 8.15
CA ASP D 122 1.91 25.04 9.09
C ASP D 122 2.95 26.07 8.66
N PHE D 123 3.31 26.06 7.39
CA PHE D 123 4.30 26.98 6.88
C PHE D 123 3.93 28.45 7.08
N ASP D 124 2.68 28.82 6.75
CA ASP D 124 2.18 30.18 7.03
C ASP D 124 2.19 30.57 8.51
N GLN D 125 1.93 29.63 9.41
CA GLN D 125 1.95 29.90 10.83
C GLN D 125 3.39 30.12 11.30
N VAL D 126 4.26 29.20 10.94
CA VAL D 126 5.67 29.31 11.25
C VAL D 126 6.17 30.64 10.75
N ARG D 127 5.82 30.96 9.50
CA ARG D 127 6.25 32.21 8.87
C ARG D 127 5.63 33.46 9.56
N SER D 128 4.36 33.41 9.94
CA SER D 128 3.72 34.59 10.51
C SER D 128 4.44 35.03 11.79
N LEU D 129 4.99 34.06 12.50
CA LEU D 129 5.80 34.29 13.68
C LEU D 129 7.25 34.69 13.42
N MET D 130 7.95 33.89 12.64
CA MET D 130 9.41 34.03 12.55
C MET D 130 9.86 35.07 11.53
N GLU D 131 8.97 35.48 10.62
CA GLU D 131 9.34 36.40 9.55
C GLU D 131 9.84 37.75 10.09
N ASN D 132 9.42 38.08 11.30
CA ASN D 132 9.81 39.32 11.94
C ASN D 132 11.22 39.27 12.48
N SER D 133 11.51 38.23 13.26
CA SER D 133 12.84 38.03 13.83
C SER D 133 13.93 38.35 12.84
N ASP D 134 14.92 39.10 13.32
CA ASP D 134 16.08 39.46 12.53
C ASP D 134 17.28 38.66 12.99
N ARG D 135 17.09 37.75 13.92
CA ARG D 135 18.11 36.74 14.24
C ARG D 135 18.60 36.01 13.01
N CYS D 136 19.83 35.54 13.06
CA CYS D 136 20.37 34.74 11.95
C CYS D 136 19.75 33.34 11.91
N GLN D 137 19.74 32.66 13.07
CA GLN D 137 19.07 31.36 13.24
C GLN D 137 17.73 31.35 12.57
N ASP D 138 16.90 32.34 12.91
CA ASP D 138 15.52 32.38 12.49
C ASP D 138 15.41 32.60 10.99
N ILE D 139 16.16 33.55 10.45
CA ILE D 139 16.11 33.83 9.01
C ILE D 139 16.50 32.59 8.19
N ARG D 140 17.65 31.98 8.51
CA ARG D 140 18.07 30.72 7.90
C ARG D 140 17.00 29.61 7.95
N ASN D 141 16.50 29.36 9.16
CA ASN D 141 15.55 28.29 9.37
C ASN D 141 14.28 28.51 8.58
N LEU D 142 13.76 29.72 8.68
CA LEU D 142 12.59 30.10 7.89
C LEU D 142 12.83 29.92 6.41
N ALA D 143 14.03 30.23 5.94
CA ALA D 143 14.34 30.07 4.52
C ALA D 143 14.42 28.59 4.12
N PHE D 144 14.95 27.76 5.00
CA PHE D 144 15.09 26.33 4.72
C PHE D 144 13.72 25.65 4.66
N LEU D 145 12.84 25.98 5.61
CA LEU D 145 11.49 25.46 5.60
C LEU D 145 10.83 25.88 4.32
N GLY D 146 11.01 27.14 3.93
CA GLY D 146 10.45 27.63 2.70
C GLY D 146 10.87 26.77 1.53
N ILE D 147 12.18 26.52 1.41
CA ILE D 147 12.70 25.75 0.30
C ILE D 147 12.16 24.34 0.34
N ALA D 148 12.14 23.77 1.56
CA ALA D 148 11.74 22.39 1.78
C ALA D 148 10.34 22.21 1.28
N TYR D 149 9.44 23.07 1.72
CA TYR D 149 8.04 22.97 1.35
C TYR D 149 7.80 23.42 -0.09
N ASN D 150 8.51 24.44 -0.53
CA ASN D 150 8.32 24.92 -1.88
C ASN D 150 8.79 23.85 -2.90
N THR D 151 9.96 23.27 -2.69
CA THR D 151 10.63 22.40 -3.68
C THR D 151 10.48 20.91 -3.46
N LEU D 152 10.06 20.53 -2.25
CA LEU D 152 9.96 19.13 -1.89
C LEU D 152 11.28 18.34 -1.94
N LEU D 153 12.42 19.01 -2.02
CA LEU D 153 13.72 18.31 -1.98
C LEU D 153 13.92 17.61 -0.62
N ARG D 154 14.60 16.48 -0.64
CA ARG D 154 15.05 15.82 0.59
C ARG D 154 16.16 16.66 1.17
N ILE D 155 16.39 16.46 2.45
CA ILE D 155 17.31 17.32 3.16
C ILE D 155 18.76 17.21 2.63
N ALA D 156 19.23 16.02 2.33
CA ALA D 156 20.53 15.84 1.70
C ALA D 156 20.67 16.62 0.38
N GLU D 157 19.60 16.67 -0.42
CA GLU D 157 19.56 17.57 -1.57
C GLU D 157 19.67 19.07 -1.16
N ILE D 158 19.00 19.44 -0.07
CA ILE D 158 19.04 20.83 0.37
C ILE D 158 20.42 21.27 0.90
N ALA D 159 21.11 20.36 1.58
CA ALA D 159 22.42 20.63 2.16
C ALA D 159 23.53 20.70 1.11
N ARG D 160 23.25 20.17 -0.07
CA ARG D 160 24.21 20.20 -1.16
C ARG D 160 24.02 21.42 -2.01
N ILE D 161 22.99 22.23 -1.76
CA ILE D 161 22.81 23.41 -2.64
C ILE D 161 23.99 24.35 -2.43
N ARG D 162 24.66 24.67 -3.53
CA ARG D 162 25.73 25.67 -3.53
C ARG D 162 25.12 26.97 -4.03
N VAL D 163 25.76 28.08 -3.69
CA VAL D 163 25.27 29.37 -4.09
C VAL D 163 25.27 29.52 -5.62
N LYS D 164 26.21 28.86 -6.32
CA LYS D 164 26.24 28.92 -7.79
C LYS D 164 25.16 28.07 -8.45
N ASP D 165 24.58 27.14 -7.69
CA ASP D 165 23.43 26.33 -8.14
C ASP D 165 22.19 27.22 -8.31
N ILE D 166 22.20 28.39 -7.70
CA ILE D 166 21.07 29.31 -7.79
C ILE D 166 21.19 30.22 -9.00
N SER D 167 20.10 30.38 -9.74
CA SER D 167 20.00 31.35 -10.82
C SER D 167 18.69 32.15 -10.65
N ARG D 168 18.13 32.69 -11.74
CA ARG D 168 16.92 33.52 -11.66
C ARG D 168 16.03 33.49 -12.90
N THR D 169 14.77 33.85 -12.73
CA THR D 169 13.87 34.01 -13.88
C THR D 169 13.80 35.49 -14.25
N ASP D 170 13.29 35.81 -15.44
CA ASP D 170 12.98 37.20 -15.77
C ASP D 170 12.01 37.76 -14.72
N GLY D 171 11.09 36.89 -14.29
CA GLY D 171 10.03 37.22 -13.34
C GLY D 171 10.52 37.58 -11.94
N GLY D 172 11.75 37.18 -11.62
CA GLY D 172 12.38 37.52 -10.36
C GLY D 172 12.47 36.38 -9.36
N ARG D 173 11.86 35.25 -9.71
CA ARG D 173 11.87 34.04 -8.87
C ARG D 173 13.22 33.31 -8.93
N MET D 174 13.66 32.83 -7.78
CA MET D 174 14.87 32.04 -7.65
C MET D 174 14.66 30.64 -8.27
N LEU D 175 15.67 30.15 -8.97
CA LEU D 175 15.70 28.77 -9.38
C LEU D 175 16.87 28.08 -8.73
N ILE D 176 16.65 26.88 -8.22
CA ILE D 176 17.73 26.10 -7.68
C ILE D 176 17.98 24.85 -8.50
N HIS D 177 19.18 24.79 -9.08
CA HIS D 177 19.62 23.62 -9.82
C HIS D 177 20.02 22.48 -8.88
N ILE D 178 19.32 21.36 -9.02
CA ILE D 178 19.77 20.11 -8.43
C ILE D 178 20.34 19.15 -9.50
N GLY D 179 21.38 18.41 -9.13
CA GLY D 179 21.96 17.37 -9.96
C GLY D 179 21.64 15.99 -9.40
N ARG D 180 22.27 15.67 -8.26
CA ARG D 180 22.01 14.39 -7.61
C ARG D 180 20.81 14.45 -6.63
N THR D 181 19.93 13.45 -6.76
CA THR D 181 18.92 13.11 -5.74
C THR D 181 19.01 11.63 -5.38
N LYS D 182 18.09 11.16 -4.54
CA LYS D 182 18.01 9.76 -4.20
C LYS D 182 17.89 8.92 -5.47
N THR D 183 16.85 9.20 -6.25
CA THR D 183 16.45 8.38 -7.40
C THR D 183 17.18 8.67 -8.70
N LEU D 184 18.05 9.68 -8.71
CA LEU D 184 18.62 10.20 -9.96
C LEU D 184 20.03 10.78 -9.81
N VAL D 185 20.88 10.48 -10.78
CA VAL D 185 22.23 11.01 -10.82
C VAL D 185 22.46 11.45 -12.24
N SER D 186 22.30 12.73 -12.50
CA SER D 186 22.59 13.29 -13.82
C SER D 186 23.36 14.61 -13.75
N THR D 187 23.87 15.01 -14.91
CA THR D 187 24.60 16.27 -15.10
C THR D 187 23.63 17.38 -15.50
N ALA D 188 22.56 17.03 -16.21
CA ALA D 188 21.53 18.00 -16.57
C ALA D 188 20.64 18.27 -15.37
N GLY D 189 20.31 17.19 -14.68
CA GLY D 189 19.54 17.25 -13.45
C GLY D 189 18.25 18.01 -13.64
N VAL D 190 17.83 18.66 -12.55
CA VAL D 190 16.52 19.32 -12.44
C VAL D 190 16.64 20.77 -11.92
N GLU D 191 15.68 21.61 -12.30
CA GLU D 191 15.55 22.97 -11.76
C GLU D 191 14.27 23.04 -10.93
N LYS D 192 14.37 23.63 -9.73
CA LYS D 192 13.20 23.84 -8.87
C LYS D 192 13.09 25.31 -8.50
N ALA D 193 11.93 25.87 -8.81
CA ALA D 193 11.68 27.31 -8.69
C ALA D 193 10.99 27.62 -7.39
N LEU D 194 11.37 28.72 -6.78
CA LEU D 194 10.70 29.21 -5.58
C LEU D 194 9.65 30.25 -5.98
N SER D 195 8.58 30.37 -5.21
CA SER D 195 7.68 31.50 -5.30
C SER D 195 8.37 32.83 -4.98
N LEU D 196 7.66 33.95 -5.11
CA LEU D 196 8.23 35.25 -4.77
C LEU D 196 8.44 35.42 -3.24
N GLY D 197 7.50 34.89 -2.45
CA GLY D 197 7.62 34.85 -1.00
C GLY D 197 8.88 34.15 -0.56
N VAL D 198 9.04 32.88 -0.94
CA VAL D 198 10.19 32.08 -0.53
C VAL D 198 11.49 32.66 -1.05
N THR D 199 11.44 33.21 -2.25
CA THR D 199 12.59 33.90 -2.78
C THR D 199 13.01 35.00 -1.83
N LYS D 200 12.06 35.78 -1.31
CA LYS D 200 12.41 36.83 -0.35
C LYS D 200 13.06 36.22 0.88
N LEU D 201 12.42 35.20 1.44
CA LEU D 201 12.97 34.52 2.61
C LEU D 201 14.41 34.15 2.40
N VAL D 202 14.72 33.71 1.18
CA VAL D 202 16.02 33.18 0.83
C VAL D 202 16.98 34.31 0.59
N GLU D 203 16.51 35.38 -0.04
CA GLU D 203 17.28 36.63 -0.16
C GLU D 203 17.71 37.13 1.23
N ARG D 204 16.78 37.20 2.16
CA ARG D 204 17.10 37.66 3.52
C ARG D 204 18.26 36.85 4.09
N TRP D 205 18.26 35.54 3.85
CA TRP D 205 19.24 34.66 4.46
C TRP D 205 20.56 34.83 3.81
N ILE D 206 20.57 34.98 2.49
CA ILE D 206 21.81 35.12 1.74
C ILE D 206 22.45 36.39 2.26
N SER D 207 21.68 37.44 2.12
CA SER D 207 22.06 38.76 2.55
C SER D 207 22.66 38.79 3.92
N VAL D 208 22.06 38.10 4.87
CA VAL D 208 22.42 38.23 6.28
C VAL D 208 23.51 37.23 6.66
N SER D 209 23.78 36.26 5.81
CA SER D 209 24.72 35.18 6.14
C SER D 209 26.11 35.45 5.59
N GLY D 210 26.15 36.09 4.42
CA GLY D 210 27.37 36.27 3.66
C GLY D 210 27.86 34.99 3.03
N VAL D 211 26.93 34.14 2.61
CA VAL D 211 27.26 32.93 1.87
C VAL D 211 27.72 33.26 0.47
N ALA D 212 27.23 34.35 -0.08
CA ALA D 212 27.53 34.69 -1.46
C ALA D 212 28.95 35.23 -1.69
N ASP D 213 29.79 35.30 -0.64
CA ASP D 213 31.23 35.63 -0.84
C ASP D 213 31.81 34.74 -1.95
N ASP D 214 32.17 33.52 -1.59
CA ASP D 214 32.54 32.51 -2.56
C ASP D 214 31.25 31.88 -3.12
N PRO D 215 31.00 31.93 -4.43
CA PRO D 215 29.80 31.30 -5.01
C PRO D 215 29.83 29.79 -5.00
N ASN D 216 30.87 29.19 -4.43
CA ASN D 216 30.96 27.74 -4.26
C ASN D 216 30.66 27.36 -2.81
N ASN D 217 30.16 28.33 -2.05
CA ASN D 217 29.74 28.09 -0.70
C ASN D 217 28.45 27.32 -0.75
N TYR D 218 28.21 26.52 0.27
CA TYR D 218 26.91 25.90 0.46
C TYR D 218 25.93 26.97 0.93
N LEU D 219 24.81 27.11 0.22
CA LEU D 219 23.75 28.04 0.55
C LEU D 219 23.40 28.01 2.02
N PHE D 220 23.29 26.82 2.61
CA PHE D 220 23.04 26.75 4.04
C PHE D 220 24.32 26.40 4.75
N CYS D 221 24.55 27.08 5.86
CA CYS D 221 25.65 26.79 6.77
C CYS D 221 25.23 26.92 8.21
N ARG D 222 26.13 26.59 9.11
CA ARG D 222 25.83 26.72 10.52
C ARG D 222 25.86 28.16 11.02
N VAL D 223 25.20 28.37 12.15
CA VAL D 223 25.14 29.67 12.78
C VAL D 223 25.27 29.47 14.28
N ARG D 224 26.22 30.22 14.86
CA ARG D 224 26.61 30.04 16.25
C ARG D 224 25.79 30.92 17.19
N LYS D 225 25.96 30.71 18.49
CA LYS D 225 25.37 31.56 19.53
C LYS D 225 25.25 33.04 19.14
N ASN D 226 26.40 33.64 18.82
CA ASN D 226 26.45 35.07 18.57
C ASN D 226 25.75 35.49 17.29
N GLY D 227 25.21 34.54 16.54
CA GLY D 227 24.46 34.85 15.34
C GLY D 227 25.34 35.06 14.13
N VAL D 228 26.60 34.62 14.18
CA VAL D 228 27.46 34.73 13.01
C VAL D 228 27.43 33.45 12.17
N ALA D 229 27.10 33.62 10.90
CA ALA D 229 27.14 32.53 9.93
C ALA D 229 28.53 31.98 9.85
N ALA D 230 28.67 30.74 9.40
CA ALA D 230 29.99 30.16 9.16
C ALA D 230 29.97 29.50 7.78
N PRO D 231 29.93 30.30 6.73
CA PRO D 231 30.02 29.78 5.37
C PRO D 231 31.20 28.82 5.16
N SER D 232 30.97 27.85 4.28
CA SER D 232 32.00 26.92 3.86
C SER D 232 31.67 26.45 2.45
N ALA D 233 32.71 26.11 1.70
CA ALA D 233 32.55 25.55 0.39
C ALA D 233 32.96 24.08 0.42
N THR D 234 33.31 23.58 1.59
CA THR D 234 33.80 22.22 1.77
C THR D 234 33.14 21.49 2.94
N SER D 235 32.29 22.17 3.70
CA SER D 235 31.53 21.50 4.75
C SER D 235 30.09 21.98 4.71
N GLN D 236 29.18 21.05 4.45
CA GLN D 236 27.79 21.41 4.36
C GLN D 236 27.18 21.30 5.75
N LEU D 237 26.01 21.94 5.90
CA LEU D 237 25.23 21.84 7.10
C LEU D 237 24.72 20.41 7.15
N SER D 238 25.00 19.69 8.24
CA SER D 238 24.58 18.31 8.33
C SER D 238 23.07 18.17 8.15
N THR D 239 22.63 17.08 7.54
CA THR D 239 21.22 16.81 7.41
C THR D 239 20.62 16.61 8.80
N ARG D 240 21.46 16.30 9.78
CA ARG D 240 20.94 16.07 11.12
C ARG D 240 20.44 17.38 11.72
N ALA D 241 21.09 18.47 11.33
CA ALA D 241 20.73 19.79 11.77
C ALA D 241 19.46 20.25 11.06
N LEU D 242 19.30 19.86 9.79
CA LEU D 242 18.04 20.20 9.11
C LEU D 242 16.86 19.42 9.73
N GLU D 243 17.11 18.21 10.19
CA GLU D 243 16.13 17.46 10.98
C GLU D 243 15.82 18.21 12.26
N GLY D 244 16.84 18.80 12.84
CA GLY D 244 16.73 19.59 14.05
C GLY D 244 15.90 20.86 13.92
N ILE D 245 16.01 21.53 12.76
CA ILE D 245 15.27 22.76 12.49
C ILE D 245 13.81 22.44 12.48
N PHE D 246 13.49 21.27 11.93
CA PHE D 246 12.11 20.80 11.84
C PHE D 246 11.60 20.46 13.23
N GLU D 247 12.45 19.84 14.06
CA GLU D 247 12.06 19.49 15.41
C GLU D 247 11.93 20.76 16.30
N ALA D 248 12.80 21.73 16.09
CA ALA D 248 12.75 22.94 16.87
C ALA D 248 11.51 23.75 16.46
N THR D 249 11.19 23.80 15.16
CA THR D 249 10.05 24.59 14.71
C THR D 249 8.76 23.97 15.19
N HIS D 250 8.77 22.66 15.36
CA HIS D 250 7.58 21.99 15.83
C HIS D 250 7.39 22.27 17.30
N ARG D 251 8.52 22.35 18.03
CA ARG D 251 8.57 22.47 19.48
C ARG D 251 8.14 23.86 19.86
N LEU D 252 8.59 24.80 19.04
CA LEU D 252 8.23 26.20 19.13
C LEU D 252 6.73 26.41 19.13
N ILE D 253 5.98 25.60 18.40
CA ILE D 253 4.56 25.78 18.27
C ILE D 253 3.74 24.85 19.13
N TYR D 254 4.21 23.62 19.34
CA TYR D 254 3.43 22.60 20.02
C TYR D 254 4.02 22.15 21.33
N GLY D 255 5.17 22.71 21.70
CA GLY D 255 5.87 22.29 22.90
C GLY D 255 6.64 20.98 22.75
N ALA D 256 7.00 20.39 23.87
CA ALA D 256 7.90 19.26 23.88
C ALA D 256 7.21 17.96 23.52
N LYS D 257 7.96 17.08 22.86
CA LYS D 257 7.55 15.70 22.57
C LYS D 257 7.15 14.95 23.82
N ASP D 258 6.32 13.93 23.61
CA ASP D 258 5.95 12.96 24.65
C ASP D 258 7.15 12.30 25.32
N ASP D 259 6.83 11.43 26.29
CA ASP D 259 7.80 10.52 26.93
C ASP D 259 7.92 9.19 26.17
N SER D 260 7.03 8.96 25.19
CA SER D 260 6.77 7.61 24.63
C SER D 260 7.89 6.95 23.81
N GLY D 261 8.76 7.74 23.19
CA GLY D 261 9.79 7.21 22.31
C GLY D 261 9.37 7.00 20.85
N GLN D 262 8.07 7.13 20.55
CA GLN D 262 7.54 6.98 19.19
C GLN D 262 8.20 7.94 18.18
N ARG D 263 8.39 7.44 16.96
CA ARG D 263 8.80 8.28 15.85
C ARG D 263 7.62 9.09 15.32
N TYR D 264 7.91 10.31 14.89
CA TYR D 264 7.00 11.19 14.15
C TYR D 264 6.03 11.93 15.06
N LEU D 265 6.51 12.23 16.27
CA LEU D 265 5.75 13.08 17.20
C LEU D 265 5.97 14.57 16.91
N ALA D 266 6.89 14.85 15.99
CA ALA D 266 7.22 16.19 15.58
C ALA D 266 7.71 16.16 14.16
N TRP D 267 7.72 17.30 13.49
CA TRP D 267 8.20 17.35 12.14
C TRP D 267 9.65 16.83 11.99
N SER D 268 9.93 16.22 10.84
CA SER D 268 11.25 15.74 10.48
C SER D 268 11.59 16.06 9.03
N GLY D 269 12.69 15.52 8.51
CA GLY D 269 13.18 15.86 7.18
C GLY D 269 12.17 15.72 6.07
N HIS D 270 11.34 14.70 6.16
CA HIS D 270 10.37 14.40 5.12
C HIS D 270 9.00 15.06 5.28
N SER D 271 8.84 15.84 6.34
CA SER D 271 7.55 16.38 6.70
C SER D 271 7.00 17.33 5.65
N ALA D 272 7.86 18.04 4.96
CA ALA D 272 7.41 19.03 3.99
C ALA D 272 7.04 18.37 2.68
N ARG D 273 7.64 17.21 2.42
CA ARG D 273 7.39 16.41 1.22
C ARG D 273 6.03 15.75 1.27
N VAL D 274 5.71 15.07 2.37
CA VAL D 274 4.38 14.48 2.44
C VAL D 274 3.36 15.59 2.51
N GLY D 275 3.72 16.71 3.12
CA GLY D 275 2.78 17.80 3.33
C GLY D 275 2.41 18.58 2.06
N ALA D 276 3.40 18.81 1.19
CA ALA D 276 3.22 19.56 -0.04
C ALA D 276 2.59 18.66 -1.11
N ALA D 277 2.98 17.38 -1.07
CA ALA D 277 2.32 16.37 -1.88
C ALA D 277 0.88 16.47 -1.51
N ARG D 278 0.59 16.26 -0.23
CA ARG D 278 -0.79 16.23 0.22
C ARG D 278 -1.57 17.51 -0.13
N ASP D 279 -0.96 18.68 -0.05
CA ASP D 279 -1.69 19.92 -0.27
C ASP D 279 -2.06 20.00 -1.76
N MET D 280 -1.19 19.48 -2.62
CA MET D 280 -1.41 19.57 -4.06
C MET D 280 -2.60 18.75 -4.48
N ALA D 281 -2.58 17.46 -4.08
CA ALA D 281 -3.74 16.59 -4.19
C ALA D 281 -5.01 17.32 -3.81
N ARG D 282 -5.04 17.92 -2.64
CA ARG D 282 -6.30 18.43 -2.17
C ARG D 282 -6.72 19.70 -2.92
N ALA D 283 -5.79 20.40 -3.56
CA ALA D 283 -6.14 21.57 -4.37
C ALA D 283 -6.45 21.19 -5.81
N GLY D 284 -6.43 19.90 -6.11
CA GLY D 284 -6.80 19.36 -7.41
C GLY D 284 -5.65 19.27 -8.37
N VAL D 285 -4.42 19.52 -7.95
CA VAL D 285 -3.28 19.35 -8.84
C VAL D 285 -3.30 17.95 -9.49
N SER D 286 -2.97 17.88 -10.77
CA SER D 286 -2.96 16.60 -11.48
C SER D 286 -1.84 15.72 -10.96
N ILE D 287 -2.13 14.42 -10.84
CA ILE D 287 -1.14 13.43 -10.43
C ILE D 287 0.25 13.47 -11.17
N PRO D 288 0.30 13.74 -12.47
CA PRO D 288 1.61 14.01 -13.12
C PRO D 288 2.36 15.21 -12.56
N GLU D 289 1.63 16.28 -12.28
CA GLU D 289 2.25 17.52 -11.82
C GLU D 289 2.83 17.32 -10.43
N ILE D 290 2.12 16.54 -9.60
CA ILE D 290 2.63 16.12 -8.28
C ILE D 290 3.94 15.34 -8.41
N MET D 291 3.94 14.30 -9.24
CA MET D 291 5.15 13.59 -9.56
C MET D 291 6.27 14.49 -10.09
N GLN D 292 5.95 15.50 -10.89
CA GLN D 292 7.01 16.37 -11.39
C GLN D 292 7.57 17.18 -10.21
N ALA D 293 6.69 17.51 -9.26
CA ALA D 293 7.02 18.35 -8.11
C ALA D 293 8.07 17.73 -7.21
N GLY D 294 7.84 16.48 -6.84
CA GLY D 294 8.69 15.75 -5.93
C GLY D 294 9.76 14.89 -6.59
N GLY D 295 10.01 15.08 -7.88
CA GLY D 295 10.93 14.24 -8.63
C GLY D 295 10.50 12.79 -8.86
N TRP D 296 9.26 12.45 -8.54
CA TRP D 296 8.78 11.09 -8.64
C TRP D 296 8.49 10.61 -10.07
N THR D 297 9.33 9.72 -10.60
CA THR D 297 9.14 9.17 -11.95
C THR D 297 8.02 8.10 -12.03
N ASN D 298 7.56 7.60 -10.88
CA ASN D 298 6.52 6.56 -10.83
C ASN D 298 5.44 6.97 -9.83
N VAL D 299 4.25 6.39 -9.95
CA VAL D 299 3.03 6.92 -9.34
C VAL D 299 2.72 6.46 -7.91
N ASN D 300 3.36 5.37 -7.48
CA ASN D 300 2.85 4.60 -6.34
C ASN D 300 3.10 5.22 -4.96
N ILE D 301 4.27 5.85 -4.79
CA ILE D 301 4.64 6.49 -3.50
C ILE D 301 3.79 7.74 -3.22
N VAL D 302 3.35 8.41 -4.29
CA VAL D 302 2.54 9.61 -4.21
C VAL D 302 1.14 9.27 -3.78
N MET D 303 0.60 8.20 -4.36
CA MET D 303 -0.64 7.58 -3.90
C MET D 303 -0.45 7.19 -2.45
N ASN D 304 0.79 6.85 -2.13
CA ASN D 304 1.19 6.42 -0.79
C ASN D 304 1.60 7.55 0.17
N TYR D 305 1.18 8.79 -0.11
CA TYR D 305 1.24 9.89 0.88
C TYR D 305 -0.14 10.50 1.07
N ILE D 306 -0.86 10.66 -0.04
CA ILE D 306 -2.31 10.90 -0.02
C ILE D 306 -2.96 9.64 0.57
N ARG D 307 -2.14 8.59 0.67
CA ARG D 307 -2.31 7.46 1.58
C ARG D 307 -3.16 7.87 2.80
N ASN D 308 -2.57 8.66 3.69
CA ASN D 308 -3.21 9.04 4.95
C ASN D 308 -3.96 10.39 4.91
N LEU D 309 -4.07 11.01 3.73
CA LEU D 309 -5.08 12.07 3.52
C LEU D 309 -6.42 11.38 3.37
N ASP D 310 -6.39 10.19 2.77
CA ASP D 310 -7.50 9.26 2.84
C ASP D 310 -7.94 9.25 4.31
N SER D 311 -8.88 10.13 4.62
CA SER D 311 -9.48 10.26 5.94
C SER D 311 -10.99 10.14 5.65
N GLU D 312 -11.83 10.94 6.31
CA GLU D 312 -13.20 11.10 5.83
C GLU D 312 -13.16 11.81 4.47
N THR D 313 -13.53 11.08 3.42
CA THR D 313 -13.54 11.61 2.06
C THR D 313 -14.98 11.75 1.51
N GLY D 314 -15.82 10.77 1.82
CA GLY D 314 -17.27 10.97 1.82
C GLY D 314 -17.95 11.41 0.55
N ALA D 315 -17.56 10.84 -0.58
CA ALA D 315 -18.24 11.12 -1.84
C ALA D 315 -19.64 10.52 -1.82
N MET D 316 -19.69 9.24 -1.46
CA MET D 316 -20.93 8.44 -1.44
C MET D 316 -22.02 9.04 -0.54
N VAL D 317 -21.57 9.62 0.55
CA VAL D 317 -22.45 10.17 1.57
C VAL D 317 -23.37 11.27 1.01
N ARG D 318 -22.75 12.19 0.27
CA ARG D 318 -23.45 13.32 -0.36
C ARG D 318 -24.45 12.80 -1.39
N LEU D 319 -23.97 11.87 -2.21
CA LEU D 319 -24.80 11.14 -3.16
C LEU D 319 -26.07 10.63 -2.48
N LEU D 320 -25.92 10.09 -1.27
CA LEU D 320 -26.99 9.37 -0.58
C LEU D 320 -28.13 10.24 -0.06
N GLU D 321 -27.83 11.46 0.38
CA GLU D 321 -28.84 12.30 1.04
C GLU D 321 -29.66 13.21 0.12
N ASP D 322 -29.78 12.84 -1.15
CA ASP D 322 -30.38 13.72 -2.14
C ASP D 322 -30.93 12.95 -3.35
#